data_3HZ3
#
_entry.id   3HZ3
#
_cell.length_a   57.782
_cell.length_b   66.233
_cell.length_c   82.724
_cell.angle_alpha   107.13
_cell.angle_beta   101.37
_cell.angle_gamma   85.40
#
_symmetry.space_group_name_H-M   'P 1'
#
loop_
_entity.id
_entity.type
_entity.pdbx_description
1 polymer Glucansucrase
2 branched beta-D-fructofuranose-(2-1)-alpha-D-glucopyranose
3 non-polymer 'CALCIUM ION'
4 water water
#
_entity_poly.entity_id   1
_entity_poly.type   'polypeptide(L)'
_entity_poly.pdbx_seq_one_letter_code
;MGINGQQYYIDPTTGQPRKNFLLQNGNDWIYFDKDTGAGTNALKLQFDKGTISADEQYRRGNEAYSYDDKSIENVNGYLT
ADTWYRPKQILKDGTTWTDSKETDMRPILMVWWPNTVTQAYYLNYMKQYGNLLPASLPSFSTDADSAELNHYSELVQQNI
EKRISETGSTDWLRTLMHEFVTKNSMWNKDSENVDYGGLQLQGGFLKYVNSDLTKYANSDWRLMNRTATNIDGKNYGGAE
FLLANDIDNSNPVVQAEELNWLYYLMNFGTITGNNPEANFDGIRVNAVDNVDVDLLSIARDYFNAAYNMEQSDASANKHI
NILEDWGWDDPAYVNKIGNPQLTMDDRLRNAIMDTLSGAPDKNQALNKLITQSLVNRANDNTENAVIPSYNFVRAHDSNA
QDQIRQAIQAATGKPYGEFNLDDEKKGMEAYINDQNSTNKKWNLYNMPSAYTILLTNKDSVPRVYYGDLYQDGGQYMEHK
TRYFDTITNLLKTRVKYVAGGQTMSVDKNGILTNVRFGKGAMNATDTGTDETRTEGIGVVISNNTNLKLNDGESVVLHMG
AAHKNQKYRAVILTTEDGVKNYTNDTDAPVAYTDANGDLHFTNTNLDGQQYTAVRGYANPDVTGYLAVWVPAGAADDQDA
RTAPSDEAHTTKTAYRSNAALDSNVIYEGFSNFIYWPTTESERTNVRIAQNADLFKSWGITTFELAPQYNSSKDGTFLDS
IIDNGYAFTDRYDLGMSTPNKYGSDEDLRNALQALHKAGLQAIADWVPDQIYNLPGKEAVTVTRSDDHGTTWEVSPIKNV
VYITNTIGGGEYQKKYGGEFLDTLQKEYPQLFSQVYPVTQTTIDPSVKIKEWSAKYFNGTNILHRGAGYVLRSNDGKYYN
LGTSTQQFLPSQLSVQDNEGYGFVKEGNNYHYYDENKQMVKDAFIQDSVGNWYYLDKNGNMVANQSPVEISSNGASGTYL
FLNNGTSFRSGLVKTDAGTYYYDGDGRMVRNQTVSDGAMTYVLDENGKLVSESFDSSATEAHPLKPGDLNGQKHHHHHH
;
_entity_poly.pdbx_strand_id   A
#
# COMPACT_ATOMS: atom_id res chain seq x y z
N GLN A 7 48.38 4.76 63.43
CA GLN A 7 47.71 4.50 62.11
C GLN A 7 46.77 5.65 61.62
N TYR A 8 46.71 6.74 62.38
CA TYR A 8 46.25 8.05 61.88
C TYR A 8 47.32 9.10 62.18
N TYR A 9 47.49 10.07 61.29
CA TYR A 9 48.43 11.17 61.52
C TYR A 9 47.63 12.44 61.71
N ILE A 10 47.26 12.73 62.94
CA ILE A 10 46.61 14.01 63.22
C ILE A 10 47.67 15.05 63.58
N ASP A 11 47.35 16.32 63.39
CA ASP A 11 48.19 17.43 63.85
C ASP A 11 47.67 17.92 65.22
N PRO A 12 48.47 17.71 66.30
CA PRO A 12 48.00 17.88 67.69
C PRO A 12 47.60 19.32 68.09
N THR A 13 48.19 20.32 67.43
CA THR A 13 47.83 21.73 67.64
C THR A 13 46.45 22.05 67.03
N THR A 14 46.30 21.83 65.73
CA THR A 14 45.06 22.15 65.00
C THR A 14 44.02 21.02 65.04
N GLY A 15 44.36 19.89 65.67
CA GLY A 15 43.47 18.73 65.80
C GLY A 15 43.06 18.06 64.49
N GLN A 16 43.67 18.48 63.38
CA GLN A 16 43.30 17.98 62.04
C GLN A 16 44.03 16.68 61.69
N PRO A 17 43.32 15.72 61.05
CA PRO A 17 44.06 14.60 60.47
C PRO A 17 44.66 14.98 59.10
N ARG A 18 45.74 14.31 58.70
CA ARG A 18 46.27 14.45 57.34
C ARG A 18 45.81 13.28 56.49
N LYS A 19 45.13 13.58 55.41
CA LYS A 19 44.62 12.56 54.50
C LYS A 19 45.42 12.68 53.23
N ASN A 20 45.58 11.56 52.51
CA ASN A 20 46.41 11.50 51.29
C ASN A 20 47.80 12.10 51.59
N PHE A 21 48.51 11.44 52.50
CA PHE A 21 49.78 11.96 53.01
C PHE A 21 50.77 10.79 53.12
N LEU A 22 51.93 10.96 52.50
CA LEU A 22 52.96 9.94 52.52
C LEU A 22 54.10 10.37 53.47
N LEU A 23 54.33 9.56 54.51
CA LEU A 23 55.25 9.91 55.60
C LEU A 23 56.43 8.94 55.75
N GLN A 24 57.64 9.50 55.87
CA GLN A 24 58.85 8.73 56.20
C GLN A 24 59.10 8.63 57.72
N ASN A 25 59.21 7.40 58.20
CA ASN A 25 59.54 7.12 59.60
C ASN A 25 60.77 6.19 59.66
N GLY A 26 61.97 6.77 59.45
CA GLY A 26 63.22 6.00 59.34
C GLY A 26 63.33 5.26 58.02
N ASN A 27 63.34 3.92 58.09
CA ASN A 27 63.25 3.04 56.91
C ASN A 27 61.81 2.74 56.48
N ASP A 28 60.85 3.08 57.34
CA ASP A 28 59.42 2.85 57.08
C ASP A 28 58.75 4.01 56.33
N TRP A 29 57.88 3.65 55.40
CA TRP A 29 57.05 4.62 54.68
C TRP A 29 55.58 4.32 54.91
N ILE A 30 54.85 5.32 55.39
CA ILE A 30 53.41 5.14 55.69
C ILE A 30 52.57 6.10 54.85
N TYR A 31 51.57 5.55 54.16
CA TYR A 31 50.63 6.38 53.40
C TYR A 31 49.27 6.42 54.13
N PHE A 32 48.84 7.63 54.48
CA PHE A 32 47.52 7.83 55.11
C PHE A 32 46.51 8.15 54.00
N ASP A 33 45.44 7.38 53.91
CA ASP A 33 44.62 7.37 52.68
C ASP A 33 43.68 8.59 52.50
N LYS A 34 43.15 8.72 51.30
CA LYS A 34 42.29 9.84 50.90
C LYS A 34 41.07 9.99 51.81
N ASP A 35 40.35 8.90 52.04
CA ASP A 35 39.03 9.01 52.61
C ASP A 35 38.99 9.20 54.13
N THR A 36 39.82 8.46 54.86
CA THR A 36 39.78 8.54 56.33
C THR A 36 41.10 8.93 57.01
N GLY A 37 42.20 8.92 56.24
CA GLY A 37 43.53 9.19 56.77
C GLY A 37 44.11 7.95 57.44
N ALA A 38 43.52 6.80 57.10
CA ALA A 38 43.95 5.50 57.63
C ALA A 38 45.30 5.10 57.00
N GLY A 39 46.29 4.92 57.88
CA GLY A 39 47.65 4.69 57.44
C GLY A 39 47.94 3.24 57.19
N THR A 40 48.76 2.97 56.19
CA THR A 40 49.11 1.62 55.80
C THR A 40 50.54 1.63 55.28
N ASN A 41 51.22 0.49 55.34
CA ASN A 41 52.59 0.36 54.85
C ASN A 41 52.64 0.68 53.36
N ALA A 42 53.23 1.83 53.02
CA ALA A 42 53.32 2.32 51.64
C ALA A 42 54.15 1.41 50.75
N LEU A 43 55.09 0.69 51.36
CA LEU A 43 55.94 -0.29 50.65
C LEU A 43 55.17 -1.55 50.22
N LYS A 44 53.95 -1.71 50.73
CA LYS A 44 53.11 -2.89 50.45
C LYS A 44 51.87 -2.63 49.61
N LEU A 45 51.70 -1.38 49.17
CA LEU A 45 50.64 -1.02 48.24
C LEU A 45 50.93 -1.66 46.87
N GLN A 46 49.94 -2.35 46.32
CA GLN A 46 50.11 -3.12 45.08
C GLN A 46 49.08 -2.69 44.06
N PHE A 47 49.46 -2.76 42.78
CA PHE A 47 48.56 -2.43 41.68
C PHE A 47 47.40 -3.43 41.69
N ASP A 48 46.17 -2.92 41.81
CA ASP A 48 44.98 -3.75 41.71
C ASP A 48 44.89 -4.36 40.31
N LYS A 49 45.09 -5.68 40.23
CA LYS A 49 45.18 -6.38 38.94
C LYS A 49 43.82 -6.54 38.22
N GLY A 50 42.77 -6.01 38.83
CA GLY A 50 41.44 -5.96 38.23
C GLY A 50 41.11 -4.60 37.63
N THR A 51 42.01 -3.63 37.85
CA THR A 51 41.94 -2.27 37.30
C THR A 51 41.72 -2.28 35.80
N ILE A 52 40.82 -1.43 35.33
CA ILE A 52 40.63 -1.21 33.88
C ILE A 52 40.82 0.28 33.57
N SER A 53 41.07 0.63 32.30
CA SER A 53 41.27 2.04 31.95
C SER A 53 39.95 2.77 31.81
N ALA A 54 40.00 4.11 31.80
CA ALA A 54 38.83 4.94 31.50
C ALA A 54 38.23 4.65 30.10
N ASP A 55 39.11 4.41 29.12
CA ASP A 55 38.73 4.00 27.75
C ASP A 55 38.01 2.67 27.74
N GLU A 56 38.57 1.69 28.47
CA GLU A 56 37.99 0.36 28.60
C GLU A 56 36.56 0.39 29.17
N GLN A 57 36.34 1.21 30.20
CA GLN A 57 35.01 1.40 30.83
C GLN A 57 33.98 1.93 29.83
N TYR A 58 34.45 2.84 28.98
CA TYR A 58 33.63 3.47 27.97
C TYR A 58 33.22 2.43 26.92
N ARG A 59 34.17 1.57 26.54
CA ARG A 59 33.95 0.47 25.60
C ARG A 59 33.04 -0.58 26.23
N ARG A 60 33.16 -0.79 27.53
CA ARG A 60 32.34 -1.81 28.21
C ARG A 60 30.94 -1.34 28.54
N GLY A 61 30.80 -0.06 28.87
CA GLY A 61 29.49 0.50 29.19
C GLY A 61 28.51 0.41 28.03
N ASN A 62 29.04 0.48 26.82
CA ASN A 62 28.27 0.51 25.62
C ASN A 62 27.94 -0.87 25.05
N GLU A 63 28.56 -1.91 25.61
CA GLU A 63 28.17 -3.29 25.26
C GLU A 63 26.69 -3.45 25.57
N ALA A 64 26.02 -4.32 24.82
CA ALA A 64 24.63 -4.70 25.04
C ALA A 64 24.48 -5.33 26.42
N TYR A 65 23.42 -4.97 27.16
CA TYR A 65 23.15 -5.58 28.46
C TYR A 65 23.00 -7.08 28.27
N SER A 66 22.25 -7.50 27.24
CA SER A 66 22.13 -8.93 26.91
C SER A 66 21.71 -9.14 25.46
N TYR A 67 21.43 -10.41 25.10
CA TYR A 67 20.95 -10.76 23.76
C TYR A 67 19.47 -11.13 23.69
N ASP A 68 18.74 -10.84 24.77
CA ASP A 68 17.28 -11.02 24.85
C ASP A 68 16.53 -10.03 23.96
N ASP A 69 15.27 -10.34 23.62
CA ASP A 69 14.41 -9.49 22.81
C ASP A 69 14.22 -8.11 23.41
N LYS A 70 14.28 -8.01 24.73
CA LYS A 70 13.99 -6.74 25.40
C LYS A 70 15.18 -5.81 25.42
N SER A 71 16.39 -6.39 25.44
CA SER A 71 17.63 -5.62 25.38
C SER A 71 17.91 -5.02 24.00
N ILE A 72 17.51 -5.70 22.92
CA ILE A 72 17.87 -5.25 21.55
C ILE A 72 16.68 -5.31 20.60
N GLU A 73 16.20 -4.13 20.16
CA GLU A 73 15.01 -4.06 19.30
C GLU A 73 15.35 -4.70 17.96
N ASN A 74 14.48 -5.61 17.53
CA ASN A 74 14.81 -6.47 16.41
C ASN A 74 13.56 -6.94 15.69
N VAL A 75 13.71 -7.50 14.50
CA VAL A 75 12.60 -8.19 13.82
C VAL A 75 13.07 -9.58 13.38
N ASN A 76 12.48 -10.63 13.95
CA ASN A 76 12.99 -12.00 13.75
C ASN A 76 14.51 -12.14 14.12
N GLY A 77 14.97 -11.35 15.09
CA GLY A 77 16.37 -11.37 15.47
C GLY A 77 17.27 -10.41 14.67
N TYR A 78 16.75 -9.86 13.56
CA TYR A 78 17.54 -8.92 12.71
C TYR A 78 17.52 -7.50 13.28
N LEU A 79 18.61 -6.78 13.09
CA LEU A 79 18.70 -5.39 13.54
C LEU A 79 18.34 -4.42 12.40
N THR A 80 17.80 -3.24 12.72
CA THR A 80 17.53 -2.23 11.68
C THR A 80 18.29 -0.95 11.99
N ALA A 81 18.31 -0.01 11.04
CA ALA A 81 18.94 1.28 11.29
C ALA A 81 18.25 2.01 12.46
N ASP A 82 16.98 1.67 12.72
CA ASP A 82 16.17 2.19 13.86
C ASP A 82 16.35 1.46 15.22
N THR A 83 17.08 0.35 15.23
CA THR A 83 17.25 -0.45 16.45
C THR A 83 17.84 0.35 17.64
N TRP A 84 17.12 0.32 18.77
CA TRP A 84 17.63 0.83 20.03
C TRP A 84 17.95 -0.36 20.93
N TYR A 85 18.89 -0.19 21.84
CA TYR A 85 19.31 -1.32 22.67
C TYR A 85 19.65 -0.84 24.04
N ARG A 86 19.71 -1.79 24.96
CA ARG A 86 20.02 -1.52 26.33
C ARG A 86 21.51 -1.76 26.57
N PRO A 87 22.28 -0.69 26.83
CA PRO A 87 23.68 -0.85 27.10
C PRO A 87 23.86 -1.36 28.52
N LYS A 88 25.01 -1.97 28.81
CA LYS A 88 25.34 -2.43 30.18
C LYS A 88 25.30 -1.26 31.12
N GLN A 89 25.81 -0.13 30.66
CA GLN A 89 25.90 1.04 31.50
C GLN A 89 25.52 2.30 30.75
N ILE A 90 24.98 3.25 31.48
CA ILE A 90 24.59 4.52 30.94
C ILE A 90 25.56 5.58 31.49
N LEU A 91 26.07 6.44 30.62
CA LEU A 91 26.91 7.53 31.07
C LEU A 91 26.01 8.66 31.51
N LYS A 92 25.37 8.50 32.68
CA LYS A 92 24.28 9.38 33.08
C LYS A 92 24.75 10.81 33.21
N ASP A 93 23.89 11.73 32.75
CA ASP A 93 24.20 13.16 32.67
C ASP A 93 25.57 13.45 32.01
N GLY A 94 26.07 12.45 31.28
CA GLY A 94 27.33 12.54 30.56
C GLY A 94 28.56 12.62 31.44
N THR A 95 28.45 12.20 32.70
CA THR A 95 29.57 12.22 33.65
C THR A 95 29.72 10.90 34.40
N THR A 96 28.60 10.32 34.85
CA THR A 96 28.68 9.16 35.74
C THR A 96 28.19 7.86 35.13
N TRP A 97 29.12 6.94 34.89
CA TRP A 97 28.75 5.60 34.47
C TRP A 97 27.87 4.92 35.52
N THR A 98 26.67 4.53 35.09
CA THR A 98 25.67 3.95 35.97
C THR A 98 25.02 2.73 35.32
N ASP A 99 24.84 1.67 36.09
CA ASP A 99 24.12 0.48 35.62
C ASP A 99 22.77 0.85 34.94
N SER A 100 22.51 0.25 33.80
CA SER A 100 21.30 0.57 33.03
C SER A 100 20.06 -0.09 33.65
N LYS A 101 18.91 0.56 33.51
CA LYS A 101 17.62 -0.09 33.78
C LYS A 101 17.09 -0.66 32.47
N GLU A 102 16.03 -1.47 32.52
CA GLU A 102 15.50 -2.06 31.27
C GLU A 102 14.82 -1.05 30.33
N THR A 103 14.43 0.11 30.88
CA THR A 103 13.93 1.25 30.07
C THR A 103 15.05 2.17 29.50
N ASP A 104 16.31 1.96 29.88
CA ASP A 104 17.40 2.77 29.33
C ASP A 104 17.79 2.31 27.91
N MET A 105 16.84 2.25 26.98
CA MET A 105 17.17 1.96 25.58
C MET A 105 17.85 3.18 24.93
N ARG A 106 18.82 2.92 24.06
CA ARG A 106 19.57 3.96 23.35
C ARG A 106 19.73 3.60 21.85
N PRO A 107 19.92 4.61 20.97
CA PRO A 107 20.14 4.37 19.53
C PRO A 107 21.40 3.57 19.31
N ILE A 108 21.31 2.47 18.56
CA ILE A 108 22.56 1.79 18.20
C ILE A 108 23.50 2.72 17.41
N LEU A 109 22.94 3.78 16.82
CA LEU A 109 23.73 4.71 16.01
C LEU A 109 24.46 5.73 16.89
N MET A 110 24.22 5.69 18.20
CA MET A 110 24.99 6.51 19.12
C MET A 110 26.40 5.96 19.30
N VAL A 111 26.61 4.68 18.96
CA VAL A 111 27.85 3.91 19.31
C VAL A 111 28.36 3.05 18.13
N TRP A 112 27.59 2.95 17.05
CA TRP A 112 27.99 2.16 15.87
C TRP A 112 27.53 2.82 14.57
N TRP A 113 28.31 2.60 13.51
CA TRP A 113 28.04 3.16 12.18
C TRP A 113 28.50 2.16 11.13
N PRO A 114 27.80 2.11 9.98
CA PRO A 114 28.13 1.12 8.97
C PRO A 114 29.44 1.38 8.29
N ASN A 115 29.87 2.65 8.29
CA ASN A 115 31.16 3.09 7.74
C ASN A 115 31.52 4.46 8.33
N THR A 116 32.75 4.88 8.16
CA THR A 116 33.16 6.16 8.73
C THR A 116 32.61 7.41 7.99
N VAL A 117 32.29 7.27 6.70
CA VAL A 117 31.50 8.29 5.98
C VAL A 117 30.15 8.57 6.67
N THR A 118 29.44 7.52 7.07
CA THR A 118 28.17 7.65 7.75
C THR A 118 28.38 8.24 9.14
N GLN A 119 29.42 7.77 9.84
CA GLN A 119 29.80 8.31 11.16
C GLN A 119 29.99 9.82 11.07
N ALA A 120 30.67 10.28 10.02
CA ALA A 120 30.93 11.71 9.76
C ALA A 120 29.68 12.52 9.42
N TYR A 121 28.80 11.92 8.62
CA TYR A 121 27.51 12.51 8.34
C TYR A 121 26.65 12.55 9.62
N TYR A 122 26.68 11.48 10.43
CA TYR A 122 26.03 11.45 11.73
C TYR A 122 26.49 12.64 12.59
N LEU A 123 27.80 12.84 12.70
CA LEU A 123 28.33 13.97 13.47
C LEU A 123 27.79 15.33 12.99
N ASN A 124 27.93 15.63 11.70
CA ASN A 124 27.38 16.86 11.09
C ASN A 124 25.87 17.02 11.27
N TYR A 125 25.12 15.90 11.25
CA TYR A 125 23.68 15.96 11.43
C TYR A 125 23.34 16.26 12.89
N MET A 126 24.05 15.62 13.82
CA MET A 126 23.77 15.80 15.23
C MET A 126 24.15 17.21 15.69
N LYS A 127 25.15 17.80 15.05
CA LYS A 127 25.56 19.17 15.35
C LYS A 127 24.55 20.16 14.79
N GLN A 128 24.32 20.09 13.47
CA GLN A 128 23.46 21.02 12.75
C GLN A 128 21.97 20.89 13.11
N TYR A 129 21.47 19.67 13.28
CA TYR A 129 20.04 19.45 13.54
C TYR A 129 19.65 19.06 14.96
N GLY A 130 20.61 18.57 15.75
CA GLY A 130 20.33 18.23 17.15
C GLY A 130 20.91 19.21 18.13
N ASN A 131 21.75 20.12 17.65
CA ASN A 131 22.54 21.03 18.48
C ASN A 131 23.34 20.28 19.53
N LEU A 132 23.95 19.17 19.11
CA LEU A 132 24.66 18.27 20.03
C LEU A 132 26.19 18.42 20.00
N LEU A 133 26.66 19.32 19.15
CA LEU A 133 28.07 19.75 19.13
C LEU A 133 28.10 21.26 18.94
N PRO A 134 29.19 21.93 19.34
CA PRO A 134 29.20 23.39 19.23
C PRO A 134 28.90 23.85 17.81
N ALA A 135 27.97 24.80 17.68
CA ALA A 135 27.56 25.36 16.40
C ALA A 135 28.73 25.59 15.43
N SER A 136 29.80 26.21 15.91
CA SER A 136 30.88 26.67 15.02
C SER A 136 32.08 25.70 15.01
N LEU A 137 31.82 24.50 14.51
CA LEU A 137 32.82 23.45 14.42
C LEU A 137 32.83 22.99 12.96
N PRO A 138 34.03 22.88 12.34
CA PRO A 138 34.12 22.47 10.93
C PRO A 138 33.32 21.20 10.60
N SER A 139 32.69 21.16 9.41
CA SER A 139 32.01 19.96 8.92
C SER A 139 33.02 18.82 8.86
N PHE A 140 32.59 17.64 9.28
CA PHE A 140 33.46 16.49 9.24
C PHE A 140 33.55 15.92 7.85
N SER A 141 34.74 15.44 7.53
CA SER A 141 35.15 15.19 6.16
C SER A 141 35.18 13.70 5.83
N THR A 142 35.27 13.39 4.53
CA THR A 142 35.39 12.03 4.03
C THR A 142 36.75 11.44 4.43
N ASP A 143 37.79 12.28 4.42
CA ASP A 143 39.12 11.89 4.90
C ASP A 143 39.36 12.25 6.38
N ALA A 144 38.27 12.31 7.15
CA ALA A 144 38.32 12.53 8.60
C ALA A 144 39.08 11.41 9.31
N ASP A 145 39.92 11.82 10.24
CA ASP A 145 40.70 10.89 11.05
C ASP A 145 39.76 10.09 11.96
N SER A 146 39.99 8.77 12.06
CA SER A 146 39.15 7.87 12.85
C SER A 146 39.23 8.08 14.38
N ALA A 147 40.33 8.63 14.87
CA ALA A 147 40.45 8.98 16.28
C ALA A 147 39.76 10.30 16.56
N GLU A 148 39.73 11.19 15.56
CA GLU A 148 38.92 12.42 15.63
C GLU A 148 37.40 12.11 15.57
N LEU A 149 37.00 11.23 14.67
CA LEU A 149 35.61 10.80 14.59
C LEU A 149 35.15 10.21 15.92
N ASN A 150 36.02 9.41 16.55
CA ASN A 150 35.66 8.75 17.80
C ASN A 150 35.55 9.66 19.00
N HIS A 151 36.48 10.62 19.10
CA HIS A 151 36.42 11.71 20.09
C HIS A 151 35.05 12.39 20.03
N TYR A 152 34.73 13.02 18.90
CA TYR A 152 33.45 13.70 18.75
C TYR A 152 32.17 12.83 18.81
N SER A 153 32.26 11.56 18.42
CA SER A 153 31.15 10.60 18.67
C SER A 153 30.87 10.45 20.17
N GLU A 154 31.94 10.36 20.98
CA GLU A 154 31.83 10.34 22.46
C GLU A 154 31.27 11.64 23.00
N LEU A 155 31.66 12.76 22.40
CA LEU A 155 31.12 14.05 22.79
C LEU A 155 29.61 14.05 22.58
N VAL A 156 29.17 13.64 21.39
CA VAL A 156 27.75 13.45 21.09
C VAL A 156 27.06 12.58 22.14
N GLN A 157 27.66 11.43 22.48
CA GLN A 157 27.11 10.57 23.54
C GLN A 157 26.84 11.32 24.82
N GLN A 158 27.86 12.05 25.28
CA GLN A 158 27.84 12.83 26.51
C GLN A 158 26.74 13.88 26.51
N ASN A 159 26.62 14.59 25.40
CA ASN A 159 25.60 15.63 25.26
C ASN A 159 24.18 15.06 25.14
N ILE A 160 24.06 13.87 24.55
CA ILE A 160 22.78 13.17 24.44
C ILE A 160 22.28 12.81 25.85
N GLU A 161 23.19 12.31 26.69
CA GLU A 161 22.88 11.93 28.06
C GLU A 161 22.57 13.15 28.91
N LYS A 162 23.26 14.25 28.62
CA LYS A 162 22.94 15.56 29.20
C LYS A 162 21.52 16.03 28.86
N ARG A 163 21.15 16.00 27.58
CA ARG A 163 19.77 16.35 27.21
C ARG A 163 18.72 15.36 27.73
N ILE A 164 19.02 14.07 27.67
CA ILE A 164 18.15 13.08 28.33
C ILE A 164 17.92 13.38 29.83
N SER A 165 18.93 13.92 30.52
CA SER A 165 18.81 14.25 31.95
C SER A 165 17.98 15.49 32.24
N GLU A 166 18.18 16.57 31.47
CA GLU A 166 17.34 17.78 31.64
C GLU A 166 15.88 17.50 31.24
N THR A 167 15.66 16.63 30.26
CA THR A 167 14.29 16.37 29.77
C THR A 167 13.65 15.15 30.44
N GLY A 168 14.48 14.24 30.96
CA GLY A 168 14.01 12.98 31.56
C GLY A 168 13.36 12.04 30.56
N SER A 169 13.67 12.23 29.28
CA SER A 169 13.00 11.52 28.17
C SER A 169 13.99 11.24 27.03
N THR A 170 13.69 10.20 26.26
CA THR A 170 14.30 9.99 24.94
C THR A 170 13.30 10.18 23.78
N ASP A 171 12.10 10.73 24.07
CA ASP A 171 11.13 11.04 22.99
C ASP A 171 11.81 11.86 21.86
N TRP A 172 12.44 12.99 22.22
CA TRP A 172 13.16 13.87 21.27
C TRP A 172 14.18 13.09 20.42
N LEU A 173 14.89 12.19 21.08
CA LEU A 173 15.94 11.37 20.47
C LEU A 173 15.40 10.34 19.49
N ARG A 174 14.28 9.69 19.78
CA ARG A 174 13.59 8.83 18.79
C ARG A 174 13.25 9.60 17.51
N THR A 175 12.78 10.85 17.65
CA THR A 175 12.41 11.67 16.49
C THR A 175 13.66 12.10 15.70
N LEU A 176 14.67 12.60 16.41
CA LEU A 176 15.89 13.09 15.79
C LEU A 176 16.67 12.00 15.03
N MET A 177 16.78 10.81 15.63
CA MET A 177 17.50 9.70 15.03
C MET A 177 16.81 9.19 13.77
N HIS A 178 15.48 9.19 13.78
CA HIS A 178 14.75 8.74 12.59
C HIS A 178 14.72 9.80 11.51
N GLU A 179 14.83 11.08 11.89
CA GLU A 179 15.00 12.10 10.87
C GLU A 179 16.36 11.94 10.19
N PHE A 180 17.36 11.53 10.98
CA PHE A 180 18.72 11.35 10.47
C PHE A 180 18.78 10.15 9.58
N VAL A 181 18.23 9.04 10.06
CA VAL A 181 18.19 7.79 9.29
C VAL A 181 17.56 8.02 7.90
N THR A 182 16.36 8.60 7.91
CA THR A 182 15.60 8.99 6.72
C THR A 182 16.39 9.75 5.68
N LYS A 183 17.55 10.29 6.08
CA LYS A 183 18.35 11.13 5.19
C LYS A 183 19.44 10.35 4.46
N ASN A 184 19.64 9.09 4.85
CA ASN A 184 20.61 8.25 4.16
C ASN A 184 19.96 7.44 3.04
N SER A 185 20.55 7.58 1.86
CA SER A 185 20.19 6.85 0.67
C SER A 185 19.99 5.34 0.86
N MET A 186 20.80 4.72 1.71
CA MET A 186 20.72 3.28 1.93
C MET A 186 19.56 2.95 2.90
N TRP A 187 19.01 4.00 3.51
CA TRP A 187 17.91 3.87 4.49
C TRP A 187 16.70 4.74 4.05
N ASN A 188 16.61 5.02 2.74
CA ASN A 188 15.39 5.61 2.14
C ASN A 188 15.11 5.10 0.72
N LYS A 189 14.08 5.63 0.07
CA LYS A 189 13.68 5.19 -1.26
C LYS A 189 14.78 5.29 -2.34
N ASP A 190 15.82 6.12 -2.13
CA ASP A 190 16.88 6.32 -3.14
C ASP A 190 17.57 5.02 -3.52
N SER A 191 17.58 4.06 -2.60
CA SER A 191 18.23 2.79 -2.88
C SER A 191 17.26 1.71 -3.38
N GLU A 192 16.00 2.08 -3.61
CA GLU A 192 14.98 1.09 -4.04
C GLU A 192 14.63 1.10 -5.53
N ASN A 193 15.36 1.86 -6.33
CA ASN A 193 15.10 2.00 -7.78
C ASN A 193 13.61 2.34 -8.07
N VAL A 194 13.15 3.48 -7.56
CA VAL A 194 11.76 3.87 -7.71
C VAL A 194 11.47 3.88 -9.20
N ASP A 195 10.38 3.23 -9.59
CA ASP A 195 10.04 3.16 -11.00
C ASP A 195 8.58 2.83 -11.15
N TYR A 196 7.96 3.55 -12.08
CA TYR A 196 6.53 3.47 -12.23
C TYR A 196 6.12 2.79 -13.54
N GLY A 197 7.09 2.18 -14.26
CA GLY A 197 6.74 1.47 -15.52
C GLY A 197 5.78 0.30 -15.26
N GLY A 198 4.92 0.01 -16.25
CA GLY A 198 3.96 -1.08 -16.15
C GLY A 198 2.98 -0.82 -15.03
N LEU A 199 2.79 -1.82 -14.16
CA LEU A 199 1.80 -1.74 -13.06
C LEU A 199 2.42 -1.45 -11.68
N GLN A 200 3.57 -0.80 -11.69
CA GLN A 200 4.26 -0.43 -10.46
C GLN A 200 3.64 0.87 -10.00
N LEU A 201 2.37 0.76 -9.60
CA LEU A 201 1.49 1.92 -9.39
C LEU A 201 2.04 2.69 -8.21
N GLN A 202 2.75 1.99 -7.33
CA GLN A 202 3.32 2.60 -6.11
C GLN A 202 4.84 2.78 -6.19
N GLY A 203 5.36 2.70 -7.42
CA GLY A 203 6.79 2.97 -7.70
C GLY A 203 7.72 1.79 -7.56
N GLY A 204 7.19 0.57 -7.57
CA GLY A 204 8.07 -0.61 -7.42
C GLY A 204 7.64 -1.79 -6.54
N PHE A 205 8.21 -2.97 -6.83
CA PHE A 205 7.86 -4.19 -6.13
C PHE A 205 9.08 -4.96 -5.61
N LEU A 206 8.85 -5.70 -4.55
CA LEU A 206 9.83 -6.60 -4.02
C LEU A 206 9.11 -7.97 -3.93
N LYS A 207 9.66 -8.98 -4.61
CA LYS A 207 9.16 -10.36 -4.56
C LYS A 207 9.87 -11.14 -3.46
N TYR A 208 9.12 -12.09 -2.90
CA TYR A 208 9.57 -12.85 -1.75
C TYR A 208 10.20 -14.14 -2.29
N VAL A 209 11.43 -14.40 -1.84
CA VAL A 209 12.18 -15.57 -2.29
C VAL A 209 12.59 -16.43 -1.10
N ASN A 210 12.73 -17.72 -1.35
CA ASN A 210 13.18 -18.65 -0.34
C ASN A 210 14.60 -18.37 0.09
N SER A 211 14.85 -18.60 1.38
CA SER A 211 16.16 -18.41 1.99
C SER A 211 16.27 -19.19 3.29
N ASP A 212 17.51 -19.55 3.64
CA ASP A 212 17.82 -20.09 4.95
C ASP A 212 17.75 -19.03 6.06
N LEU A 213 17.86 -17.75 5.68
CA LEU A 213 17.90 -16.67 6.65
C LEU A 213 16.51 -16.30 7.25
N THR A 214 15.43 -16.68 6.56
CA THR A 214 14.10 -16.20 6.86
C THR A 214 13.12 -17.32 6.48
N LYS A 215 13.39 -18.50 7.05
CA LYS A 215 12.81 -19.78 6.68
C LYS A 215 11.29 -19.83 6.86
N TYR A 216 10.81 -19.17 7.90
CA TYR A 216 9.40 -19.06 8.22
C TYR A 216 8.60 -18.31 7.10
N ALA A 217 9.30 -17.66 6.16
CA ALA A 217 8.63 -16.93 5.05
C ALA A 217 8.75 -17.64 3.73
N ASN A 218 9.35 -18.81 3.73
CA ASN A 218 9.50 -19.63 2.52
C ASN A 218 8.20 -20.16 2.00
N SER A 219 8.22 -20.61 0.74
CA SER A 219 7.02 -21.11 0.09
C SER A 219 7.41 -22.05 -1.03
N ASP A 220 6.58 -23.07 -1.24
CA ASP A 220 6.74 -23.99 -2.36
C ASP A 220 5.97 -23.54 -3.59
N TRP A 221 5.17 -22.48 -3.45
CA TRP A 221 4.27 -22.02 -4.51
C TRP A 221 4.80 -20.72 -5.12
N ARG A 222 4.11 -19.59 -4.91
CA ARG A 222 4.43 -18.31 -5.52
C ARG A 222 4.53 -18.46 -7.03
N LEU A 223 3.59 -19.21 -7.61
CA LEU A 223 3.48 -19.33 -9.07
C LEU A 223 2.89 -18.01 -9.59
N MET A 224 3.69 -17.26 -10.37
CA MET A 224 3.38 -15.88 -10.73
C MET A 224 2.91 -15.65 -12.17
N ASN A 225 2.01 -14.67 -12.37
CA ASN A 225 1.56 -14.29 -13.71
C ASN A 225 0.77 -15.38 -14.44
N ARG A 226 0.17 -16.30 -13.71
CA ARG A 226 -0.42 -17.47 -14.38
C ARG A 226 -1.87 -17.24 -14.71
N THR A 227 -2.08 -16.40 -15.72
CA THR A 227 -3.39 -15.94 -16.13
C THR A 227 -3.87 -16.80 -17.33
N ALA A 228 -4.98 -16.44 -17.95
CA ALA A 228 -5.63 -17.26 -19.00
C ALA A 228 -4.71 -17.63 -20.21
N THR A 229 -3.69 -16.81 -20.45
CA THR A 229 -2.76 -16.98 -21.58
C THR A 229 -1.45 -17.66 -21.15
N ASN A 230 -1.31 -17.91 -19.85
CA ASN A 230 -0.04 -18.40 -19.27
C ASN A 230 -0.23 -19.50 -18.21
N ILE A 231 -1.07 -20.49 -18.49
CA ILE A 231 -1.46 -21.48 -17.49
C ILE A 231 -0.27 -22.33 -17.00
N ASP A 232 0.53 -22.79 -17.96
CA ASP A 232 1.74 -23.59 -17.67
C ASP A 232 2.95 -22.78 -17.13
N GLY A 233 3.08 -21.54 -17.57
CA GLY A 233 4.14 -20.66 -17.08
C GLY A 233 5.17 -20.40 -18.14
N LYS A 234 4.83 -20.69 -19.39
CA LYS A 234 5.76 -20.62 -20.51
C LYS A 234 5.59 -19.35 -21.35
N ASN A 235 4.52 -18.60 -21.07
CA ASN A 235 4.30 -17.31 -21.72
C ASN A 235 4.53 -16.20 -20.73
N TYR A 236 4.12 -14.98 -21.05
CA TYR A 236 4.41 -13.86 -20.16
C TYR A 236 3.29 -13.67 -19.11
N GLY A 237 2.04 -13.84 -19.56
CA GLY A 237 0.85 -13.65 -18.72
C GLY A 237 0.63 -12.22 -18.29
N GLY A 238 -0.48 -11.96 -17.61
CA GLY A 238 -0.71 -10.65 -17.03
C GLY A 238 0.20 -10.45 -15.82
N ALA A 239 0.27 -9.21 -15.33
CA ALA A 239 1.21 -8.89 -14.26
C ALA A 239 0.69 -9.36 -12.88
N GLU A 240 1.47 -10.20 -12.22
CA GLU A 240 1.07 -10.67 -10.89
C GLU A 240 1.00 -9.54 -9.91
N PHE A 241 1.92 -8.57 -10.03
CA PHE A 241 2.03 -7.52 -9.04
C PHE A 241 1.21 -6.27 -9.43
N LEU A 242 0.51 -5.68 -8.44
CA LEU A 242 -0.38 -4.53 -8.69
C LEU A 242 -0.29 -3.48 -7.57
N LEU A 243 -0.69 -3.84 -6.36
CA LEU A 243 -0.76 -2.91 -5.24
C LEU A 243 -0.46 -3.66 -3.95
N ALA A 244 0.21 -2.98 -3.02
CA ALA A 244 0.19 -3.38 -1.63
C ALA A 244 0.73 -4.82 -1.47
N ASN A 245 0.21 -5.58 -0.51
CA ASN A 245 0.70 -6.96 -0.32
C ASN A 245 0.02 -7.96 -1.26
N ASP A 246 0.75 -8.45 -2.25
CA ASP A 246 0.18 -9.34 -3.23
C ASP A 246 -0.04 -10.75 -2.67
N ILE A 247 -1.28 -11.19 -2.71
CA ILE A 247 -1.65 -12.52 -2.20
C ILE A 247 -1.19 -13.63 -3.13
N ASP A 248 -0.50 -14.63 -2.60
CA ASP A 248 -0.12 -15.81 -3.40
C ASP A 248 -1.32 -16.76 -3.58
N ASN A 249 -2.06 -16.58 -4.67
CA ASN A 249 -3.23 -17.40 -4.95
C ASN A 249 -2.91 -18.68 -5.67
N SER A 250 -1.63 -18.98 -5.84
CA SER A 250 -1.20 -20.27 -6.36
C SER A 250 -0.98 -21.27 -5.21
N ASN A 251 -0.95 -20.76 -3.97
CA ASN A 251 -0.83 -21.60 -2.81
C ASN A 251 -2.17 -22.28 -2.51
N PRO A 252 -2.21 -23.63 -2.60
CA PRO A 252 -3.42 -24.43 -2.36
C PRO A 252 -4.12 -24.08 -1.05
N VAL A 253 -3.37 -23.81 0.01
CA VAL A 253 -3.95 -23.39 1.29
C VAL A 253 -4.58 -22.02 1.16
N VAL A 254 -3.99 -21.14 0.34
CA VAL A 254 -4.54 -19.81 0.10
C VAL A 254 -5.80 -19.93 -0.77
N GLN A 255 -5.80 -20.87 -1.72
CA GLN A 255 -6.96 -21.11 -2.56
C GLN A 255 -8.16 -21.54 -1.72
N ALA A 256 -7.93 -22.43 -0.75
CA ALA A 256 -8.99 -22.88 0.16
C ALA A 256 -9.56 -21.70 0.96
N GLU A 257 -8.69 -20.77 1.36
CA GLU A 257 -9.12 -19.58 2.07
C GLU A 257 -9.92 -18.60 1.18
N GLU A 258 -9.62 -18.56 -0.12
CA GLU A 258 -10.43 -17.74 -1.07
C GLU A 258 -11.85 -18.33 -1.20
N LEU A 259 -11.96 -19.65 -1.09
CA LEU A 259 -13.22 -20.34 -1.24
C LEU A 259 -14.02 -20.08 0.04
N ASN A 260 -13.33 -20.10 1.18
CA ASN A 260 -13.95 -19.77 2.47
C ASN A 260 -14.61 -18.39 2.44
N TRP A 261 -13.88 -17.39 1.95
CA TRP A 261 -14.29 -15.99 1.85
C TRP A 261 -15.44 -15.80 0.86
N LEU A 262 -15.34 -16.50 -0.27
CA LEU A 262 -16.39 -16.52 -1.28
C LEU A 262 -17.72 -17.04 -0.68
N TYR A 263 -17.64 -18.09 0.14
CA TYR A 263 -18.82 -18.65 0.83
C TYR A 263 -19.45 -17.66 1.80
N TYR A 264 -18.58 -16.97 2.53
CA TYR A 264 -18.97 -15.92 3.43
C TYR A 264 -19.78 -14.85 2.70
N LEU A 265 -19.28 -14.34 1.57
CA LEU A 265 -19.99 -13.28 0.82
C LEU A 265 -21.34 -13.78 0.31
N MET A 266 -21.38 -14.98 -0.24
CA MET A 266 -22.62 -15.55 -0.74
C MET A 266 -23.61 -15.92 0.37
N ASN A 267 -23.15 -15.95 1.61
CA ASN A 267 -24.05 -16.30 2.71
C ASN A 267 -23.97 -15.23 3.81
N PHE A 268 -23.56 -14.04 3.41
CA PHE A 268 -23.26 -12.96 4.35
C PHE A 268 -24.42 -12.68 5.30
N GLY A 269 -25.63 -12.56 4.76
CA GLY A 269 -26.83 -12.23 5.54
C GLY A 269 -27.26 -13.29 6.56
N THR A 270 -27.12 -14.56 6.17
CA THR A 270 -27.30 -15.71 7.09
C THR A 270 -26.29 -15.61 8.24
N ILE A 271 -25.01 -15.69 7.85
CA ILE A 271 -23.85 -15.68 8.77
C ILE A 271 -23.85 -14.51 9.76
N THR A 272 -24.02 -13.27 9.27
CA THR A 272 -23.83 -12.12 10.14
C THR A 272 -25.12 -11.62 10.82
N GLY A 273 -26.28 -11.96 10.25
CA GLY A 273 -27.55 -11.53 10.86
C GLY A 273 -28.76 -12.47 10.86
N ASN A 274 -28.50 -13.77 10.68
CA ASN A 274 -29.58 -14.75 10.49
C ASN A 274 -30.75 -14.23 9.62
N ASN A 275 -30.36 -13.79 8.42
CA ASN A 275 -31.23 -13.09 7.51
C ASN A 275 -31.03 -13.66 6.10
N PRO A 276 -31.82 -14.69 5.72
CA PRO A 276 -31.76 -15.35 4.41
C PRO A 276 -32.00 -14.43 3.22
N GLU A 277 -32.50 -13.22 3.47
CA GLU A 277 -32.77 -12.24 2.42
C GLU A 277 -31.65 -11.22 2.22
N ALA A 278 -30.61 -11.32 3.05
CA ALA A 278 -29.52 -10.35 3.02
C ALA A 278 -28.17 -10.93 2.52
N ASN A 279 -28.25 -11.82 1.54
CA ASN A 279 -27.06 -12.43 0.96
C ASN A 279 -26.79 -11.87 -0.40
N PHE A 280 -25.52 -11.85 -0.79
CA PHE A 280 -25.21 -11.49 -2.18
C PHE A 280 -25.63 -12.64 -3.12
N ASP A 281 -25.81 -12.32 -4.39
CA ASP A 281 -26.24 -13.26 -5.44
C ASP A 281 -25.18 -13.51 -6.52
N GLY A 282 -24.25 -12.57 -6.70
CA GLY A 282 -23.19 -12.75 -7.68
C GLY A 282 -21.87 -12.17 -7.21
N ILE A 283 -20.83 -12.34 -8.04
CA ILE A 283 -19.54 -11.79 -7.76
C ILE A 283 -18.99 -11.01 -8.97
N ARG A 284 -18.25 -9.95 -8.67
CA ARG A 284 -17.36 -9.34 -9.61
C ARG A 284 -15.98 -9.91 -9.22
N VAL A 285 -15.32 -10.57 -10.18
CA VAL A 285 -13.92 -10.95 -9.93
C VAL A 285 -13.02 -9.76 -10.25
N ASN A 286 -12.58 -9.08 -9.22
CA ASN A 286 -11.68 -7.94 -9.37
C ASN A 286 -10.25 -8.35 -9.76
N ALA A 287 -9.63 -7.54 -10.63
CA ALA A 287 -8.20 -7.70 -10.99
C ALA A 287 -7.85 -9.11 -11.44
N VAL A 288 -8.62 -9.63 -12.38
CA VAL A 288 -8.48 -10.98 -12.89
C VAL A 288 -7.13 -11.26 -13.53
N ASP A 289 -6.64 -10.32 -14.34
CA ASP A 289 -5.36 -10.52 -14.98
C ASP A 289 -4.15 -10.34 -14.03
N ASN A 290 -4.41 -10.29 -12.72
CA ASN A 290 -3.36 -10.11 -11.73
C ASN A 290 -3.27 -11.23 -10.72
N VAL A 291 -4.04 -12.28 -10.95
CA VAL A 291 -4.04 -13.40 -10.03
C VAL A 291 -4.05 -14.71 -10.81
N ASP A 292 -3.77 -15.78 -10.09
CA ASP A 292 -3.78 -17.12 -10.64
C ASP A 292 -5.20 -17.46 -11.12
N VAL A 293 -5.32 -17.67 -12.43
CA VAL A 293 -6.59 -17.94 -13.10
C VAL A 293 -7.28 -19.21 -12.57
N ASP A 294 -6.59 -20.00 -11.74
CA ASP A 294 -7.22 -21.13 -10.99
C ASP A 294 -8.46 -20.62 -10.25
N LEU A 295 -8.41 -19.37 -9.77
CA LEU A 295 -9.52 -18.76 -9.03
C LEU A 295 -10.87 -18.76 -9.79
N LEU A 296 -10.83 -18.55 -11.10
CA LEU A 296 -12.07 -18.55 -11.93
C LEU A 296 -12.74 -19.93 -11.95
N SER A 297 -11.88 -20.95 -11.97
CA SER A 297 -12.29 -22.33 -11.91
C SER A 297 -12.82 -22.74 -10.54
N ILE A 298 -12.20 -22.24 -9.46
CA ILE A 298 -12.65 -22.50 -8.09
C ILE A 298 -14.00 -21.82 -7.84
N ALA A 299 -14.16 -20.56 -8.25
CA ALA A 299 -15.48 -19.93 -8.13
C ALA A 299 -16.54 -20.69 -8.90
N ARG A 300 -16.19 -21.22 -10.08
CA ARG A 300 -17.17 -21.88 -10.96
C ARG A 300 -17.68 -23.13 -10.31
N ASP A 301 -16.73 -23.97 -9.89
CA ASP A 301 -17.02 -25.24 -9.23
C ASP A 301 -17.90 -25.04 -8.00
N TYR A 302 -17.70 -23.98 -7.24
CA TYR A 302 -18.52 -23.76 -6.05
C TYR A 302 -19.94 -23.31 -6.46
N PHE A 303 -20.03 -22.40 -7.42
CA PHE A 303 -21.34 -21.97 -7.91
C PHE A 303 -22.10 -23.13 -8.56
N ASN A 304 -21.35 -24.05 -9.19
CA ASN A 304 -21.97 -25.25 -9.80
C ASN A 304 -22.53 -26.23 -8.77
N ALA A 305 -21.85 -26.32 -7.63
CA ALA A 305 -22.28 -27.20 -6.55
C ALA A 305 -23.44 -26.60 -5.75
N ALA A 306 -23.41 -25.30 -5.48
CA ALA A 306 -24.46 -24.65 -4.69
C ALA A 306 -25.72 -24.26 -5.48
N TYR A 307 -25.56 -23.90 -6.75
CA TYR A 307 -26.64 -23.25 -7.50
C TYR A 307 -26.97 -23.93 -8.82
N ASN A 308 -26.17 -24.93 -9.22
CA ASN A 308 -26.46 -25.65 -10.47
C ASN A 308 -26.48 -24.70 -11.66
N MET A 309 -25.39 -23.95 -11.81
CA MET A 309 -25.28 -22.87 -12.77
C MET A 309 -25.42 -23.36 -14.20
N GLU A 310 -24.90 -24.55 -14.46
CA GLU A 310 -24.74 -25.00 -15.83
C GLU A 310 -25.95 -25.79 -16.35
N GLN A 311 -26.89 -26.08 -15.44
CA GLN A 311 -28.16 -26.72 -15.76
C GLN A 311 -28.95 -26.08 -16.91
N SER A 312 -29.22 -24.77 -16.83
CA SER A 312 -30.15 -24.07 -17.73
C SER A 312 -29.94 -22.57 -17.67
N ASP A 313 -30.53 -21.82 -18.63
CA ASP A 313 -30.50 -20.35 -18.57
C ASP A 313 -31.18 -19.86 -17.29
N ALA A 314 -32.30 -20.49 -16.92
CA ALA A 314 -33.06 -20.09 -15.73
C ALA A 314 -32.22 -20.13 -14.44
N SER A 315 -31.49 -21.21 -14.22
CA SER A 315 -30.69 -21.30 -13.02
C SER A 315 -29.41 -20.43 -13.08
N ALA A 316 -28.72 -20.37 -14.23
CA ALA A 316 -27.56 -19.47 -14.41
C ALA A 316 -27.91 -18.00 -14.18
N ASN A 317 -28.97 -17.52 -14.82
CA ASN A 317 -29.33 -16.09 -14.81
C ASN A 317 -29.80 -15.56 -13.45
N LYS A 318 -29.91 -16.47 -12.49
CA LYS A 318 -30.27 -16.17 -11.10
C LYS A 318 -29.02 -15.84 -10.27
N HIS A 319 -27.83 -16.01 -10.88
CA HIS A 319 -26.55 -15.58 -10.29
C HIS A 319 -25.65 -14.97 -11.37
N ILE A 320 -26.03 -13.77 -11.81
CA ILE A 320 -25.19 -12.95 -12.68
C ILE A 320 -23.86 -12.61 -11.97
N ASN A 321 -22.76 -13.10 -12.58
CA ASN A 321 -21.38 -12.84 -12.19
C ASN A 321 -20.65 -12.18 -13.38
N ILE A 322 -19.73 -11.28 -13.07
CA ILE A 322 -18.92 -10.63 -14.10
C ILE A 322 -17.45 -10.65 -13.72
N LEU A 323 -16.57 -10.56 -14.73
CA LEU A 323 -15.14 -10.51 -14.53
C LEU A 323 -14.58 -9.15 -14.83
N GLU A 324 -13.66 -8.69 -14.01
CA GLU A 324 -12.82 -7.57 -14.43
C GLU A 324 -11.58 -8.10 -15.16
N ASP A 325 -11.78 -8.50 -16.40
CA ASP A 325 -10.74 -9.15 -17.20
C ASP A 325 -10.39 -8.32 -18.45
N TRP A 326 -9.33 -7.53 -18.36
CA TRP A 326 -8.95 -6.55 -19.35
C TRP A 326 -8.26 -7.11 -20.60
N GLY A 327 -7.63 -8.28 -20.49
CA GLY A 327 -6.84 -8.82 -21.59
C GLY A 327 -7.68 -9.42 -22.71
N TRP A 328 -7.30 -9.12 -23.94
CA TRP A 328 -8.08 -9.44 -25.13
C TRP A 328 -8.21 -10.93 -25.45
N ASP A 329 -7.26 -11.72 -24.96
CA ASP A 329 -7.28 -13.18 -25.13
C ASP A 329 -8.09 -13.89 -24.04
N ASP A 330 -8.46 -13.18 -22.99
CA ASP A 330 -9.30 -13.75 -21.94
C ASP A 330 -10.68 -14.35 -22.37
N PRO A 331 -11.46 -13.67 -23.25
CA PRO A 331 -12.82 -14.17 -23.51
C PRO A 331 -12.88 -15.60 -24.02
N ALA A 332 -12.00 -15.95 -24.95
CA ALA A 332 -11.94 -17.29 -25.54
C ALA A 332 -11.73 -18.32 -24.45
N TYR A 333 -10.89 -17.95 -23.48
CA TYR A 333 -10.60 -18.78 -22.34
C TYR A 333 -11.83 -18.92 -21.44
N VAL A 334 -12.50 -17.78 -21.19
CA VAL A 334 -13.66 -17.72 -20.32
C VAL A 334 -14.74 -18.60 -20.93
N ASN A 335 -14.92 -18.48 -22.23
CA ASN A 335 -15.80 -19.38 -22.96
C ASN A 335 -15.38 -20.84 -22.81
N LYS A 336 -14.10 -21.16 -23.08
CA LYS A 336 -13.61 -22.52 -22.92
C LYS A 336 -14.03 -23.18 -21.59
N ILE A 337 -13.92 -22.44 -20.48
CA ILE A 337 -14.23 -23.02 -19.16
C ILE A 337 -15.68 -22.91 -18.70
N GLY A 338 -16.59 -22.56 -19.61
CA GLY A 338 -18.05 -22.57 -19.33
C GLY A 338 -18.72 -21.23 -18.98
N ASN A 339 -18.03 -20.11 -19.23
CA ASN A 339 -18.59 -18.79 -18.93
C ASN A 339 -19.18 -18.72 -17.51
N PRO A 340 -18.43 -19.20 -16.48
CA PRO A 340 -18.93 -19.16 -15.09
C PRO A 340 -19.16 -17.74 -14.60
N GLN A 341 -18.45 -16.78 -15.19
CA GLN A 341 -18.64 -15.32 -14.95
C GLN A 341 -18.46 -14.62 -16.30
N LEU A 342 -19.27 -13.59 -16.56
CA LEU A 342 -19.22 -12.90 -17.84
C LEU A 342 -17.93 -12.16 -18.06
N THR A 343 -17.27 -12.45 -19.18
CA THR A 343 -16.18 -11.58 -19.65
C THR A 343 -16.75 -10.20 -19.99
N MET A 344 -15.91 -9.18 -19.92
CA MET A 344 -16.29 -7.90 -20.48
C MET A 344 -16.01 -8.02 -21.97
N ASP A 345 -16.47 -7.06 -22.78
CA ASP A 345 -16.06 -6.96 -24.18
C ASP A 345 -15.25 -5.67 -24.40
N ASP A 346 -13.97 -5.76 -24.13
CA ASP A 346 -13.14 -4.56 -24.13
C ASP A 346 -12.85 -4.11 -25.56
N ARG A 347 -12.96 -5.04 -26.52
CA ARG A 347 -12.93 -4.70 -27.94
C ARG A 347 -14.01 -3.65 -28.25
N LEU A 348 -15.21 -3.94 -27.77
CA LEU A 348 -16.37 -3.08 -28.00
C LEU A 348 -16.30 -1.77 -27.25
N ARG A 349 -15.95 -1.78 -25.96
CA ARG A 349 -15.79 -0.51 -25.23
C ARG A 349 -14.79 0.39 -25.98
N ASN A 350 -13.64 -0.17 -26.38
CA ASN A 350 -12.65 0.63 -27.16
C ASN A 350 -13.16 1.17 -28.47
N ALA A 351 -14.06 0.42 -29.11
CA ALA A 351 -14.70 0.84 -30.35
C ALA A 351 -15.54 2.11 -30.09
N ILE A 352 -16.20 2.14 -28.93
CA ILE A 352 -16.92 3.34 -28.51
C ILE A 352 -15.96 4.49 -28.15
N MET A 353 -14.85 4.20 -27.44
CA MET A 353 -13.89 5.25 -27.10
C MET A 353 -13.35 5.90 -28.34
N ASP A 354 -13.16 5.10 -29.39
CA ASP A 354 -12.48 5.56 -30.62
C ASP A 354 -13.37 6.32 -31.56
N THR A 355 -14.67 6.06 -31.47
CA THR A 355 -15.60 6.62 -32.48
C THR A 355 -16.58 7.62 -31.91
N LEU A 356 -16.86 7.55 -30.62
CA LEU A 356 -17.83 8.48 -30.04
C LEU A 356 -17.23 9.37 -28.95
N SER A 357 -16.44 8.75 -28.08
CA SER A 357 -16.07 9.37 -26.81
C SER A 357 -14.96 10.41 -26.93
N GLY A 358 -14.26 10.45 -28.07
CA GLY A 358 -13.21 11.48 -28.28
C GLY A 358 -13.75 12.82 -28.76
N ALA A 359 -12.86 13.83 -28.77
CA ALA A 359 -13.18 15.19 -29.26
C ALA A 359 -13.44 15.20 -30.77
N PRO A 360 -14.10 16.24 -31.30
CA PRO A 360 -14.51 16.18 -32.69
C PRO A 360 -13.38 15.83 -33.67
N ASP A 361 -12.15 16.23 -33.35
CA ASP A 361 -11.01 15.98 -34.24
C ASP A 361 -10.26 14.67 -33.89
N LYS A 362 -10.78 13.89 -32.95
CA LYS A 362 -10.19 12.60 -32.61
C LYS A 362 -11.02 11.40 -33.07
N ASN A 363 -12.33 11.57 -33.25
CA ASN A 363 -13.17 10.39 -33.51
C ASN A 363 -12.90 9.74 -34.86
N GLN A 364 -13.01 8.42 -34.90
CA GLN A 364 -12.67 7.62 -36.08
C GLN A 364 -13.97 7.20 -36.68
N ALA A 365 -13.94 6.68 -37.90
CA ALA A 365 -15.17 6.25 -38.60
C ALA A 365 -15.91 5.21 -37.76
N LEU A 366 -17.23 5.23 -37.87
CA LEU A 366 -18.11 4.47 -36.97
C LEU A 366 -18.21 2.97 -37.30
N ASN A 367 -17.63 2.54 -38.41
CA ASN A 367 -17.73 1.13 -38.85
C ASN A 367 -17.25 0.12 -37.79
N LYS A 368 -16.23 0.52 -37.05
CA LYS A 368 -15.60 -0.31 -36.07
C LYS A 368 -16.54 -0.75 -34.94
N LEU A 369 -17.56 0.08 -34.66
CA LEU A 369 -18.63 -0.30 -33.70
C LEU A 369 -19.36 -1.58 -34.14
N ILE A 370 -19.36 -1.82 -35.45
CA ILE A 370 -20.04 -2.98 -36.04
C ILE A 370 -19.16 -4.23 -35.89
N THR A 371 -17.83 -4.07 -36.06
CA THR A 371 -16.89 -5.23 -36.19
C THR A 371 -15.95 -5.51 -34.99
N GLN A 372 -15.47 -4.46 -34.31
CA GLN A 372 -14.50 -4.66 -33.22
C GLN A 372 -15.21 -4.99 -31.91
N SER A 373 -15.56 -6.26 -31.76
CA SER A 373 -16.34 -6.73 -30.65
C SER A 373 -16.34 -8.26 -30.72
N LEU A 374 -16.73 -8.90 -29.61
CA LEU A 374 -17.03 -10.34 -29.60
C LEU A 374 -18.15 -10.76 -30.54
N VAL A 375 -18.89 -9.78 -31.06
CA VAL A 375 -20.05 -10.05 -31.90
C VAL A 375 -20.02 -9.13 -33.11
N ASN A 376 -20.32 -9.66 -34.28
CA ASN A 376 -20.41 -8.82 -35.44
C ASN A 376 -21.87 -8.45 -35.67
N ARG A 377 -22.14 -7.14 -35.63
CA ARG A 377 -23.51 -6.66 -35.49
C ARG A 377 -24.15 -6.13 -36.76
N ALA A 378 -23.54 -6.45 -37.89
CA ALA A 378 -24.08 -6.10 -39.21
C ALA A 378 -25.44 -6.78 -39.43
N ASN A 379 -25.52 -8.07 -39.08
CA ASN A 379 -26.76 -8.84 -39.22
C ASN A 379 -26.86 -9.84 -38.10
N ASP A 380 -27.18 -9.31 -36.93
CA ASP A 380 -27.25 -10.16 -35.79
C ASP A 380 -28.65 -10.78 -35.67
N ASN A 381 -28.82 -11.96 -36.25
CA ASN A 381 -30.13 -12.58 -36.37
C ASN A 381 -30.23 -14.03 -35.88
N THR A 382 -29.33 -14.39 -34.98
CA THR A 382 -29.29 -15.71 -34.35
C THR A 382 -29.15 -15.45 -32.85
N GLU A 383 -29.24 -16.54 -32.06
CA GLU A 383 -28.98 -16.53 -30.62
C GLU A 383 -28.13 -17.72 -30.22
N ASN A 384 -27.55 -17.64 -29.03
CA ASN A 384 -26.71 -18.72 -28.47
C ASN A 384 -25.44 -19.04 -29.28
N ALA A 385 -24.97 -18.09 -30.08
CA ALA A 385 -23.90 -18.31 -31.06
C ALA A 385 -22.59 -17.60 -30.75
N VAL A 386 -22.61 -16.67 -29.80
CA VAL A 386 -21.39 -15.94 -29.44
C VAL A 386 -21.08 -16.11 -27.96
N ILE A 387 -19.86 -15.72 -27.58
CA ILE A 387 -19.45 -15.64 -26.18
C ILE A 387 -20.27 -14.53 -25.56
N PRO A 388 -21.00 -14.82 -24.45
CA PRO A 388 -21.76 -13.83 -23.66
C PRO A 388 -20.85 -12.86 -22.87
N SER A 389 -21.25 -11.58 -22.85
CA SER A 389 -20.42 -10.55 -22.22
C SER A 389 -21.25 -9.41 -21.66
N TYR A 390 -20.65 -8.64 -20.77
CA TYR A 390 -21.22 -7.36 -20.35
C TYR A 390 -20.35 -6.27 -20.95
N ASN A 391 -20.91 -5.08 -21.13
CA ASN A 391 -20.21 -3.97 -21.75
C ASN A 391 -20.52 -2.77 -20.90
N PHE A 392 -19.75 -1.71 -21.06
CA PHE A 392 -19.96 -0.48 -20.27
C PHE A 392 -19.22 0.65 -20.94
N VAL A 393 -19.60 1.88 -20.59
CA VAL A 393 -18.97 3.07 -21.17
C VAL A 393 -17.87 3.65 -20.22
N ARG A 394 -18.17 3.71 -18.92
CA ARG A 394 -17.22 4.19 -17.89
C ARG A 394 -17.35 3.25 -16.68
N ALA A 395 -16.43 3.40 -15.74
CA ALA A 395 -16.51 2.71 -14.43
C ALA A 395 -15.85 3.57 -13.36
N HIS A 396 -15.96 3.17 -12.10
CA HIS A 396 -15.37 3.94 -11.01
C HIS A 396 -13.89 4.21 -11.31
N ASP A 397 -13.22 3.28 -11.99
CA ASP A 397 -11.83 3.53 -12.36
C ASP A 397 -11.71 4.00 -13.81
N SER A 398 -12.09 3.14 -14.74
CA SER A 398 -12.02 3.40 -16.19
C SER A 398 -12.66 4.74 -16.69
N ASN A 399 -11.82 5.73 -17.01
CA ASN A 399 -12.25 7.06 -17.49
C ASN A 399 -13.01 7.90 -16.45
N ALA A 400 -12.74 7.61 -15.17
CA ALA A 400 -13.20 8.41 -14.06
C ALA A 400 -12.07 8.84 -13.13
N GLN A 401 -11.33 7.89 -12.55
CA GLN A 401 -10.37 8.22 -11.47
C GLN A 401 -9.17 9.09 -11.89
N ASP A 402 -8.64 8.87 -13.10
CA ASP A 402 -7.52 9.65 -13.64
C ASP A 402 -7.96 11.06 -13.96
N GLN A 403 -9.05 11.21 -14.71
CA GLN A 403 -9.50 12.53 -15.13
C GLN A 403 -9.94 13.41 -13.96
N ILE A 404 -10.60 12.81 -12.98
CA ILE A 404 -11.05 13.54 -11.79
C ILE A 404 -9.84 14.06 -11.02
N ARG A 405 -8.82 13.22 -10.87
CA ARG A 405 -7.58 13.67 -10.26
C ARG A 405 -6.88 14.75 -11.08
N GLN A 406 -7.00 14.73 -12.42
CA GLN A 406 -6.55 15.88 -13.24
C GLN A 406 -7.30 17.19 -12.92
N ALA A 407 -8.60 17.10 -12.72
CA ALA A 407 -9.43 18.29 -12.44
C ALA A 407 -9.10 18.82 -11.06
N ILE A 408 -8.87 17.92 -10.11
CA ILE A 408 -8.42 18.30 -8.77
C ILE A 408 -7.06 19.02 -8.81
N GLN A 409 -6.13 18.49 -9.58
CA GLN A 409 -4.82 19.12 -9.66
C GLN A 409 -4.89 20.50 -10.32
N ALA A 410 -5.71 20.62 -11.36
CA ALA A 410 -5.85 21.91 -12.07
C ALA A 410 -6.53 23.01 -11.26
N ALA A 411 -7.47 22.64 -10.41
CA ALA A 411 -8.21 23.65 -9.65
C ALA A 411 -7.46 24.09 -8.40
N THR A 412 -6.64 23.20 -7.85
CA THR A 412 -6.01 23.45 -6.56
C THR A 412 -4.52 23.79 -6.67
N GLY A 413 -3.86 23.19 -7.65
CA GLY A 413 -2.42 23.41 -7.84
C GLY A 413 -1.59 22.38 -7.11
N LYS A 414 -2.24 21.55 -6.28
CA LYS A 414 -1.53 20.49 -5.53
C LYS A 414 -1.00 19.42 -6.50
N PRO A 415 0.00 18.60 -6.08
CA PRO A 415 0.48 17.57 -6.99
C PRO A 415 -0.58 16.49 -7.27
N TYR A 416 -0.43 15.78 -8.39
CA TYR A 416 -1.41 14.79 -8.82
C TYR A 416 -1.63 13.67 -7.81
N GLY A 417 -2.90 13.49 -7.44
CA GLY A 417 -3.26 12.36 -6.61
C GLY A 417 -3.21 12.67 -5.13
N GLU A 418 -2.84 13.90 -4.79
CA GLU A 418 -2.82 14.39 -3.40
C GLU A 418 -3.88 15.47 -3.22
N PHE A 419 -4.75 15.28 -2.24
CA PHE A 419 -5.87 16.19 -1.99
C PHE A 419 -6.54 15.90 -0.66
N ASN A 420 -7.16 16.92 -0.08
CA ASN A 420 -8.07 16.72 1.05
C ASN A 420 -9.49 16.95 0.55
N LEU A 421 -10.44 16.86 1.47
CA LEU A 421 -11.86 16.97 1.12
C LEU A 421 -12.23 18.30 0.48
N ASP A 422 -11.61 19.40 0.93
CA ASP A 422 -11.84 20.71 0.30
C ASP A 422 -11.29 20.71 -1.11
N ASP A 423 -10.17 20.02 -1.30
CA ASP A 423 -9.51 19.93 -2.60
C ASP A 423 -10.37 19.16 -3.58
N GLU A 424 -10.81 17.97 -3.16
CA GLU A 424 -11.77 17.17 -3.93
C GLU A 424 -12.99 18.00 -4.39
N LYS A 425 -13.63 18.70 -3.46
CA LYS A 425 -14.79 19.53 -3.76
C LYS A 425 -14.53 20.60 -4.83
N LYS A 426 -13.45 21.37 -4.68
CA LYS A 426 -13.06 22.39 -5.65
C LYS A 426 -12.80 21.76 -7.02
N GLY A 427 -12.12 20.60 -7.01
CA GLY A 427 -11.81 19.85 -8.24
C GLY A 427 -13.07 19.29 -8.87
N MET A 428 -13.99 18.82 -8.02
CA MET A 428 -15.32 18.39 -8.49
C MET A 428 -16.09 19.53 -9.15
N GLU A 429 -16.05 20.72 -8.57
CA GLU A 429 -16.69 21.89 -9.20
C GLU A 429 -16.16 22.05 -10.63
N ALA A 430 -14.82 22.12 -10.77
CA ALA A 430 -14.17 22.22 -12.09
C ALA A 430 -14.52 21.07 -13.04
N TYR A 431 -14.56 19.85 -12.53
CA TYR A 431 -14.87 18.64 -13.35
C TYR A 431 -16.31 18.68 -13.96
N ILE A 432 -17.28 19.07 -13.12
CA ILE A 432 -18.66 19.15 -13.52
C ILE A 432 -18.88 20.27 -14.52
N ASN A 433 -18.19 21.40 -14.36
CA ASN A 433 -18.23 22.48 -15.37
C ASN A 433 -17.68 21.98 -16.70
N ASP A 434 -16.58 21.24 -16.64
CA ASP A 434 -16.06 20.61 -17.85
C ASP A 434 -17.09 19.65 -18.49
N GLN A 435 -17.67 18.77 -17.68
CA GLN A 435 -18.72 17.82 -18.11
C GLN A 435 -19.86 18.50 -18.87
N ASN A 436 -20.18 19.75 -18.49
CA ASN A 436 -21.25 20.55 -19.07
C ASN A 436 -20.77 21.52 -20.17
N SER A 437 -19.55 21.35 -20.69
CA SER A 437 -19.10 22.17 -21.82
C SER A 437 -19.16 21.39 -23.14
N THR A 438 -19.17 22.13 -24.24
CA THR A 438 -19.04 21.56 -25.57
C THR A 438 -17.65 20.99 -25.76
N ASN A 439 -16.65 21.77 -25.40
CA ASN A 439 -15.25 21.32 -25.38
C ASN A 439 -14.90 20.81 -24.02
N LYS A 440 -14.55 19.53 -23.94
CA LYS A 440 -14.28 18.85 -22.67
C LYS A 440 -12.81 18.47 -22.57
N LYS A 441 -12.23 18.61 -21.38
CA LYS A 441 -10.83 18.27 -21.18
C LYS A 441 -10.69 16.99 -20.38
N TRP A 442 -11.57 16.81 -19.39
CA TRP A 442 -11.53 15.70 -18.45
C TRP A 442 -12.73 14.75 -18.60
N ASN A 443 -13.68 15.08 -19.46
CA ASN A 443 -14.90 14.27 -19.63
C ASN A 443 -15.09 13.68 -21.03
N LEU A 444 -15.71 12.50 -21.14
CA LEU A 444 -16.00 11.88 -22.44
C LEU A 444 -17.05 12.62 -23.24
N TYR A 445 -16.87 12.64 -24.55
CA TYR A 445 -17.80 13.21 -25.50
C TYR A 445 -18.90 12.18 -25.84
N ASN A 446 -19.96 12.66 -26.46
CA ASN A 446 -21.08 11.85 -26.96
C ASN A 446 -21.64 10.77 -26.04
N MET A 447 -21.77 11.08 -24.77
CA MET A 447 -22.39 10.17 -23.81
C MET A 447 -23.79 9.68 -24.18
N PRO A 448 -24.71 10.57 -24.62
CA PRO A 448 -25.98 10.11 -25.17
C PRO A 448 -25.83 9.03 -26.26
N SER A 449 -24.96 9.26 -27.24
CA SER A 449 -24.76 8.29 -28.30
C SER A 449 -24.07 7.01 -27.78
N ALA A 450 -23.04 7.16 -26.97
CA ALA A 450 -22.37 6.00 -26.38
C ALA A 450 -23.36 5.12 -25.64
N TYR A 451 -24.16 5.74 -24.78
CA TYR A 451 -25.16 5.02 -24.05
C TYR A 451 -26.24 4.42 -24.94
N THR A 452 -26.57 5.08 -26.05
CA THR A 452 -27.57 4.56 -26.99
C THR A 452 -27.06 3.27 -27.61
N ILE A 453 -25.77 3.28 -28.02
CA ILE A 453 -25.12 2.07 -28.51
C ILE A 453 -25.11 1.00 -27.41
N LEU A 454 -24.68 1.40 -26.21
CA LEU A 454 -24.60 0.48 -25.08
C LEU A 454 -25.93 -0.25 -24.85
N LEU A 455 -27.03 0.51 -24.89
CA LEU A 455 -28.31 -0.01 -24.42
C LEU A 455 -29.20 -0.59 -25.53
N THR A 456 -28.74 -0.54 -26.78
CA THR A 456 -29.52 -1.04 -27.94
C THR A 456 -28.79 -2.18 -28.68
N ASN A 457 -27.48 -2.32 -28.41
CA ASN A 457 -26.78 -3.58 -28.79
C ASN A 457 -27.49 -4.88 -28.33
N LYS A 458 -27.58 -5.82 -29.27
CA LYS A 458 -28.00 -7.19 -29.01
C LYS A 458 -26.76 -8.01 -28.61
N ASP A 459 -26.94 -9.12 -27.87
CA ASP A 459 -25.83 -9.99 -27.39
C ASP A 459 -24.84 -9.24 -26.46
N SER A 460 -25.40 -8.60 -25.43
CA SER A 460 -24.64 -7.76 -24.51
C SER A 460 -25.45 -7.53 -23.24
N VAL A 461 -24.84 -7.74 -22.08
CA VAL A 461 -25.48 -7.31 -20.85
C VAL A 461 -24.91 -5.92 -20.55
N PRO A 462 -25.73 -4.85 -20.74
CA PRO A 462 -25.08 -3.56 -20.54
C PRO A 462 -24.92 -3.25 -19.07
N ARG A 463 -23.89 -2.47 -18.73
CA ARG A 463 -23.68 -1.96 -17.37
C ARG A 463 -23.64 -0.43 -17.37
N VAL A 464 -24.50 0.16 -16.52
CA VAL A 464 -24.67 1.61 -16.42
C VAL A 464 -23.82 2.07 -15.26
N TYR A 465 -23.13 3.19 -15.42
CA TYR A 465 -22.25 3.70 -14.38
C TYR A 465 -22.88 4.88 -13.60
N TYR A 466 -22.94 4.70 -12.27
CA TYR A 466 -23.35 5.74 -11.30
C TYR A 466 -22.91 7.17 -11.66
N GLY A 467 -21.61 7.35 -11.95
CA GLY A 467 -21.08 8.67 -12.26
C GLY A 467 -21.61 9.31 -13.54
N ASP A 468 -22.41 8.56 -14.31
CA ASP A 468 -23.06 9.08 -15.53
C ASP A 468 -24.52 9.52 -15.32
N LEU A 469 -25.07 9.13 -14.17
CA LEU A 469 -26.42 9.44 -13.78
C LEU A 469 -26.37 10.51 -12.71
N TYR A 470 -25.46 10.31 -11.74
CA TYR A 470 -25.22 11.27 -10.67
C TYR A 470 -23.79 11.80 -10.73
N GLN A 471 -23.57 12.99 -10.17
CA GLN A 471 -22.24 13.60 -10.19
C GLN A 471 -21.29 12.79 -9.32
N ASP A 472 -20.17 12.33 -9.89
CA ASP A 472 -19.16 11.52 -9.17
C ASP A 472 -18.84 11.98 -7.74
N GLY A 473 -18.44 13.24 -7.57
CA GLY A 473 -18.22 13.76 -6.21
C GLY A 473 -19.49 14.34 -5.57
N GLY A 474 -19.68 14.06 -4.28
CA GLY A 474 -20.89 14.52 -3.56
C GLY A 474 -21.37 13.36 -2.69
N GLN A 475 -22.41 13.59 -1.89
CA GLN A 475 -23.00 12.50 -1.12
C GLN A 475 -23.68 11.58 -2.13
N TYR A 476 -23.96 10.35 -1.73
CA TYR A 476 -24.62 9.38 -2.61
C TYR A 476 -25.88 9.94 -3.23
N MET A 477 -25.90 10.03 -4.56
CA MET A 477 -27.10 10.45 -5.30
C MET A 477 -27.50 11.92 -5.05
N GLU A 478 -26.53 12.74 -4.64
CA GLU A 478 -26.81 14.13 -4.24
C GLU A 478 -27.22 15.02 -5.40
N HIS A 479 -26.54 14.88 -6.53
CA HIS A 479 -26.72 15.79 -7.64
C HIS A 479 -26.72 14.96 -8.89
N LYS A 480 -27.57 15.33 -9.84
CA LYS A 480 -27.69 14.56 -11.06
C LYS A 480 -26.72 15.10 -12.08
N THR A 481 -26.24 14.24 -13.00
CA THR A 481 -25.55 14.73 -14.17
C THR A 481 -26.55 15.29 -15.19
N ARG A 482 -26.04 16.00 -16.19
CA ARG A 482 -26.89 16.48 -17.32
C ARG A 482 -27.47 15.31 -18.13
N TYR A 483 -26.98 14.09 -17.88
CA TYR A 483 -27.29 12.92 -18.73
C TYR A 483 -28.37 12.08 -18.09
N PHE A 484 -28.74 12.42 -16.85
CA PHE A 484 -29.73 11.63 -16.09
C PHE A 484 -31.02 11.40 -16.85
N ASP A 485 -31.62 12.45 -17.42
CA ASP A 485 -32.88 12.26 -18.14
C ASP A 485 -32.65 11.42 -19.38
N THR A 486 -31.60 11.74 -20.11
CA THR A 486 -31.28 11.04 -21.35
C THR A 486 -31.05 9.55 -21.13
N ILE A 487 -30.19 9.24 -20.18
CA ILE A 487 -29.86 7.85 -19.92
C ILE A 487 -31.03 7.08 -19.28
N THR A 488 -31.75 7.66 -18.31
CA THR A 488 -32.93 6.96 -17.78
C THR A 488 -34.06 6.84 -18.82
N ASN A 489 -34.21 7.83 -19.70
CA ASN A 489 -35.14 7.70 -20.80
C ASN A 489 -34.76 6.46 -21.61
N LEU A 490 -33.51 6.42 -22.09
CA LEU A 490 -32.98 5.25 -22.80
C LEU A 490 -33.23 3.93 -22.05
N LEU A 491 -33.03 3.93 -20.73
CA LEU A 491 -33.22 2.71 -19.95
C LEU A 491 -34.68 2.20 -19.89
N LYS A 492 -35.65 3.08 -19.60
CA LYS A 492 -37.04 2.67 -19.65
C LYS A 492 -37.51 2.30 -21.06
N THR A 493 -37.01 3.01 -22.06
CA THR A 493 -37.26 2.68 -23.47
C THR A 493 -36.66 1.31 -23.82
N ARG A 494 -35.47 0.99 -23.29
CA ARG A 494 -34.88 -0.35 -23.49
C ARG A 494 -35.82 -1.50 -23.06
N VAL A 495 -36.31 -1.45 -21.82
CA VAL A 495 -37.28 -2.43 -21.31
C VAL A 495 -38.47 -2.57 -22.24
N LYS A 496 -39.00 -1.44 -22.64
CA LYS A 496 -40.30 -1.39 -23.25
C LYS A 496 -40.23 -1.79 -24.74
N TYR A 497 -39.16 -1.43 -25.44
CA TYR A 497 -39.13 -1.65 -26.90
C TYR A 497 -37.96 -2.49 -27.49
N VAL A 498 -36.86 -2.61 -26.77
CA VAL A 498 -35.63 -3.10 -27.41
C VAL A 498 -35.53 -4.61 -27.29
N ALA A 499 -35.64 -5.30 -28.41
CA ALA A 499 -35.75 -6.77 -28.45
C ALA A 499 -35.51 -7.25 -29.88
N GLY A 500 -35.40 -8.57 -30.05
CA GLY A 500 -35.18 -9.18 -31.36
C GLY A 500 -33.85 -8.86 -32.04
N GLY A 501 -33.78 -9.11 -33.35
CA GLY A 501 -32.57 -9.01 -34.13
C GLY A 501 -32.05 -7.59 -34.23
N GLN A 502 -30.80 -7.47 -34.73
CA GLN A 502 -30.12 -6.19 -34.88
C GLN A 502 -29.41 -6.09 -36.24
N THR A 503 -29.46 -4.90 -36.85
CA THR A 503 -28.62 -4.56 -37.99
C THR A 503 -27.88 -3.24 -37.72
N MET A 504 -26.69 -3.12 -38.29
CA MET A 504 -25.87 -1.90 -38.21
C MET A 504 -25.16 -1.77 -39.56
N SER A 505 -25.22 -0.57 -40.15
CA SER A 505 -24.41 -0.21 -41.31
C SER A 505 -24.05 1.27 -41.26
N VAL A 506 -23.03 1.63 -42.03
CA VAL A 506 -22.57 3.01 -42.12
C VAL A 506 -22.63 3.39 -43.60
N ASP A 507 -23.40 4.42 -43.93
CA ASP A 507 -23.54 4.80 -45.32
C ASP A 507 -22.33 5.61 -45.84
N LYS A 508 -22.49 6.20 -47.02
CA LYS A 508 -21.40 6.92 -47.72
C LYS A 508 -21.03 8.20 -46.99
N ASN A 509 -21.97 8.73 -46.22
CA ASN A 509 -21.74 9.97 -45.50
C ASN A 509 -21.20 9.74 -44.08
N GLY A 510 -20.88 8.49 -43.78
CA GLY A 510 -20.31 8.11 -42.51
C GLY A 510 -21.35 8.07 -41.41
N ILE A 511 -22.61 7.93 -41.81
CA ILE A 511 -23.71 7.92 -40.84
C ILE A 511 -24.10 6.47 -40.49
N LEU A 512 -24.05 6.15 -39.19
CA LEU A 512 -24.47 4.85 -38.67
C LEU A 512 -25.98 4.79 -38.46
N THR A 513 -26.59 3.73 -38.97
CA THR A 513 -27.98 3.40 -38.71
C THR A 513 -28.04 2.09 -37.94
N ASN A 514 -28.67 2.09 -36.77
CA ASN A 514 -28.73 0.91 -35.90
C ASN A 514 -30.19 0.55 -35.63
N VAL A 515 -30.55 -0.71 -35.84
CA VAL A 515 -31.95 -1.17 -35.83
C VAL A 515 -32.15 -2.41 -34.96
N ARG A 516 -33.15 -2.37 -34.09
CA ARG A 516 -33.62 -3.55 -33.45
C ARG A 516 -35.05 -3.80 -33.97
N PHE A 517 -35.38 -5.06 -34.21
CA PHE A 517 -36.65 -5.36 -34.86
C PHE A 517 -37.86 -5.54 -33.94
N GLY A 518 -37.63 -5.68 -32.64
CA GLY A 518 -38.70 -6.02 -31.68
C GLY A 518 -38.82 -7.54 -31.53
N LYS A 519 -39.42 -7.99 -30.45
CA LYS A 519 -39.43 -9.41 -30.13
C LYS A 519 -40.27 -10.17 -31.16
N GLY A 520 -39.77 -11.35 -31.56
CA GLY A 520 -40.46 -12.24 -32.52
C GLY A 520 -39.95 -12.12 -33.96
N ALA A 521 -38.97 -11.25 -34.18
CA ALA A 521 -38.34 -11.03 -35.49
C ALA A 521 -36.81 -10.89 -35.37
N MET A 522 -36.09 -11.78 -36.04
CA MET A 522 -34.64 -11.73 -36.05
C MET A 522 -34.06 -10.94 -37.23
N ASN A 523 -34.82 -10.93 -38.35
CA ASN A 523 -34.42 -10.32 -39.65
C ASN A 523 -35.33 -9.21 -40.13
N ALA A 524 -34.82 -8.39 -41.05
CA ALA A 524 -35.63 -7.38 -41.77
C ALA A 524 -36.79 -7.96 -42.59
N THR A 525 -36.76 -9.27 -42.85
CA THR A 525 -37.80 -9.90 -43.68
C THR A 525 -38.86 -10.65 -42.87
N ASP A 526 -38.55 -10.97 -41.62
CA ASP A 526 -39.47 -11.62 -40.70
C ASP A 526 -40.69 -10.74 -40.46
N THR A 527 -41.88 -11.33 -40.53
CA THR A 527 -43.12 -10.59 -40.32
C THR A 527 -43.42 -10.48 -38.83
N GLY A 528 -42.68 -11.27 -38.06
CA GLY A 528 -42.77 -11.27 -36.60
C GLY A 528 -44.09 -11.76 -36.01
N THR A 529 -44.25 -11.55 -34.71
CA THR A 529 -45.43 -11.98 -33.96
C THR A 529 -46.41 -10.81 -33.69
N ASP A 530 -47.38 -11.06 -32.80
CA ASP A 530 -48.34 -10.05 -32.32
C ASP A 530 -47.61 -8.85 -31.71
N GLU A 531 -46.69 -9.16 -30.79
CA GLU A 531 -46.07 -8.13 -30.00
C GLU A 531 -45.00 -7.33 -30.75
N THR A 532 -44.56 -7.83 -31.92
CA THR A 532 -43.47 -7.20 -32.65
C THR A 532 -43.81 -5.77 -33.07
N ARG A 533 -45.06 -5.56 -33.46
CA ARG A 533 -45.52 -4.33 -34.10
C ARG A 533 -45.04 -3.06 -33.43
N THR A 534 -45.33 -2.91 -32.14
CA THR A 534 -45.00 -1.67 -31.45
C THR A 534 -43.72 -1.80 -30.60
N GLU A 535 -42.84 -2.70 -31.06
CA GLU A 535 -41.54 -2.86 -30.48
C GLU A 535 -40.42 -2.57 -31.49
N GLY A 536 -39.18 -2.65 -31.05
CA GLY A 536 -38.02 -2.33 -31.88
C GLY A 536 -37.60 -0.88 -31.69
N ILE A 537 -36.50 -0.48 -32.36
CA ILE A 537 -35.93 0.85 -32.22
C ILE A 537 -35.07 1.15 -33.44
N GLY A 538 -35.00 2.42 -33.81
CA GLY A 538 -34.21 2.88 -34.97
C GLY A 538 -33.33 4.00 -34.49
N VAL A 539 -32.04 3.92 -34.81
CA VAL A 539 -31.04 4.82 -34.21
C VAL A 539 -30.21 5.41 -35.33
N VAL A 540 -30.03 6.73 -35.29
CA VAL A 540 -29.16 7.43 -36.23
C VAL A 540 -28.05 8.13 -35.47
N ILE A 541 -26.80 7.76 -35.78
CA ILE A 541 -25.65 8.42 -35.16
C ILE A 541 -24.67 8.93 -36.20
N SER A 542 -24.15 10.13 -35.98
CA SER A 542 -22.97 10.62 -36.67
C SER A 542 -22.02 11.18 -35.61
N ASN A 543 -20.72 11.15 -35.91
CA ASN A 543 -19.68 11.80 -35.12
C ASN A 543 -19.11 13.05 -35.83
N ASN A 544 -19.84 13.53 -36.84
CA ASN A 544 -19.36 14.63 -37.66
C ASN A 544 -20.12 15.91 -37.30
N THR A 545 -19.50 16.75 -36.47
CA THR A 545 -20.06 18.04 -36.06
C THR A 545 -20.39 18.97 -37.21
N ASN A 546 -19.72 18.79 -38.34
CA ASN A 546 -19.95 19.59 -39.53
C ASN A 546 -20.86 18.90 -40.56
N LEU A 547 -21.42 17.74 -40.20
CA LEU A 547 -22.28 16.98 -41.11
C LEU A 547 -23.29 17.88 -41.84
N LYS A 548 -23.35 17.77 -43.16
CA LYS A 548 -24.39 18.37 -44.00
C LYS A 548 -24.66 17.34 -45.08
N LEU A 549 -25.90 16.90 -45.21
CA LEU A 549 -26.29 16.16 -46.39
C LEU A 549 -26.67 17.11 -47.49
N ASN A 550 -26.29 16.77 -48.71
CA ASN A 550 -26.74 17.46 -49.90
C ASN A 550 -28.23 17.20 -50.20
N ASP A 551 -28.82 18.11 -50.94
CA ASP A 551 -30.23 17.98 -51.34
C ASP A 551 -30.44 16.65 -52.06
N GLY A 552 -31.55 15.98 -51.71
CA GLY A 552 -31.90 14.71 -52.34
C GLY A 552 -31.37 13.55 -51.54
N GLU A 553 -30.13 13.67 -51.04
CA GLU A 553 -29.50 12.65 -50.21
C GLU A 553 -30.32 12.34 -48.97
N SER A 554 -30.22 11.11 -48.48
CA SER A 554 -30.99 10.70 -47.30
C SER A 554 -30.30 9.66 -46.43
N VAL A 555 -30.96 9.39 -45.30
CA VAL A 555 -30.61 8.37 -44.35
C VAL A 555 -31.86 7.48 -44.25
N VAL A 556 -31.71 6.20 -44.60
CA VAL A 556 -32.81 5.21 -44.49
C VAL A 556 -32.57 4.24 -43.30
N LEU A 557 -33.54 4.14 -42.39
CA LEU A 557 -33.55 3.06 -41.39
C LEU A 557 -34.45 1.98 -41.97
N HIS A 558 -33.93 0.77 -42.15
CA HIS A 558 -34.72 -0.37 -42.63
C HIS A 558 -35.42 -1.06 -41.44
N MET A 559 -36.59 -0.56 -41.06
CA MET A 559 -37.24 -1.05 -39.83
C MET A 559 -37.79 -2.46 -40.00
N GLY A 560 -38.04 -2.87 -41.24
CA GLY A 560 -38.42 -4.27 -41.50
C GLY A 560 -39.82 -4.55 -41.99
N ALA A 561 -40.07 -5.81 -42.30
CA ALA A 561 -41.37 -6.26 -42.83
C ALA A 561 -42.50 -6.30 -41.76
N ALA A 562 -42.11 -6.26 -40.48
CA ALA A 562 -43.10 -6.14 -39.41
C ALA A 562 -43.51 -4.69 -39.15
N HIS A 563 -42.88 -3.74 -39.84
CA HIS A 563 -43.10 -2.32 -39.58
C HIS A 563 -43.41 -1.51 -40.83
N LYS A 564 -44.17 -2.10 -41.75
CA LYS A 564 -44.61 -1.40 -42.95
C LYS A 564 -45.65 -0.35 -42.60
N ASN A 565 -45.62 0.78 -43.33
CA ASN A 565 -46.61 1.87 -43.21
C ASN A 565 -46.98 2.20 -41.77
N GLN A 566 -45.97 2.52 -40.95
CA GLN A 566 -46.17 2.62 -39.51
C GLN A 566 -45.69 3.94 -38.93
N LYS A 567 -46.48 4.48 -38.00
CA LYS A 567 -46.10 5.63 -37.19
C LYS A 567 -45.03 5.34 -36.13
N TYR A 568 -43.94 6.09 -36.21
CA TYR A 568 -42.84 6.08 -35.24
C TYR A 568 -42.78 7.47 -34.61
N ARG A 569 -42.28 7.55 -33.39
CA ARG A 569 -42.15 8.82 -32.70
C ARG A 569 -40.78 8.89 -32.06
N ALA A 570 -40.32 10.12 -31.84
CA ALA A 570 -38.99 10.37 -31.35
C ALA A 570 -38.87 10.00 -29.87
N VAL A 571 -37.70 9.44 -29.54
CA VAL A 571 -37.26 9.16 -28.17
C VAL A 571 -36.28 10.24 -27.76
N ILE A 572 -35.34 10.54 -28.66
CA ILE A 572 -34.31 11.54 -28.40
C ILE A 572 -34.06 12.23 -29.72
N LEU A 573 -34.03 13.57 -29.72
CA LEU A 573 -33.57 14.36 -30.87
C LEU A 573 -32.43 15.28 -30.43
N THR A 574 -31.50 15.57 -31.33
CA THR A 574 -30.44 16.52 -31.03
C THR A 574 -30.92 17.93 -31.38
N THR A 575 -30.47 18.91 -30.60
CA THR A 575 -30.86 20.32 -30.82
C THR A 575 -29.58 21.16 -30.85
N GLU A 576 -29.72 22.48 -30.96
CA GLU A 576 -28.53 23.34 -31.04
C GLU A 576 -27.73 23.35 -29.75
N ASP A 577 -28.43 23.27 -28.61
CA ASP A 577 -27.84 23.49 -27.29
C ASP A 577 -27.72 22.20 -26.50
N GLY A 578 -28.29 21.12 -27.03
CA GLY A 578 -28.40 19.87 -26.31
C GLY A 578 -29.19 18.83 -27.06
N VAL A 579 -30.12 18.21 -26.34
CA VAL A 579 -30.97 17.14 -26.87
C VAL A 579 -32.38 17.37 -26.30
N LYS A 580 -33.38 16.74 -26.93
CA LYS A 580 -34.72 16.73 -26.38
C LYS A 580 -35.05 15.31 -26.07
N ASN A 581 -35.57 15.05 -24.88
CA ASN A 581 -36.05 13.72 -24.52
C ASN A 581 -37.55 13.64 -24.51
N TYR A 582 -38.09 12.54 -25.02
CA TYR A 582 -39.53 12.28 -24.93
C TYR A 582 -39.70 10.92 -24.26
N THR A 583 -40.37 10.90 -23.11
CA THR A 583 -40.49 9.69 -22.26
C THR A 583 -41.64 8.78 -22.68
N ASN A 584 -42.49 9.31 -23.55
CA ASN A 584 -43.60 8.57 -24.15
C ASN A 584 -44.05 9.35 -25.38
N ASP A 585 -45.27 9.13 -25.83
CA ASP A 585 -45.73 9.63 -27.12
C ASP A 585 -46.15 11.10 -27.13
N THR A 586 -46.48 11.66 -25.96
CA THR A 586 -47.04 13.02 -25.91
C THR A 586 -46.10 14.11 -26.47
N ASP A 587 -46.59 14.83 -27.48
CA ASP A 587 -45.83 15.89 -28.19
C ASP A 587 -44.51 15.44 -28.86
N ALA A 588 -44.16 14.15 -28.81
CA ALA A 588 -43.00 13.65 -29.57
C ALA A 588 -43.20 13.78 -31.08
N PRO A 589 -42.24 14.41 -31.79
CA PRO A 589 -42.28 14.40 -33.24
C PRO A 589 -42.45 13.01 -33.82
N VAL A 590 -43.14 12.94 -34.96
CA VAL A 590 -43.44 11.68 -35.66
C VAL A 590 -42.82 11.50 -37.08
N ALA A 591 -42.67 10.25 -37.48
CA ALA A 591 -42.25 9.86 -38.82
C ALA A 591 -42.97 8.55 -39.16
N TYR A 592 -43.15 8.30 -40.45
CA TYR A 592 -43.88 7.15 -40.95
C TYR A 592 -43.01 6.27 -41.84
N THR A 593 -43.03 4.97 -41.66
CA THR A 593 -42.32 4.09 -42.59
C THR A 593 -43.08 4.00 -43.92
N ASP A 594 -42.40 3.55 -44.97
CA ASP A 594 -43.05 3.31 -46.25
C ASP A 594 -43.51 1.85 -46.34
N ALA A 595 -43.98 1.45 -47.53
CA ALA A 595 -44.49 0.09 -47.74
C ALA A 595 -43.42 -0.97 -47.57
N ASN A 596 -42.16 -0.53 -47.62
CA ASN A 596 -41.06 -1.44 -47.39
C ASN A 596 -40.68 -1.51 -45.89
N GLY A 597 -41.26 -0.62 -45.10
CA GLY A 597 -40.87 -0.48 -43.69
C GLY A 597 -39.66 0.42 -43.49
N ASP A 598 -39.35 1.23 -44.51
CA ASP A 598 -38.23 2.16 -44.42
C ASP A 598 -38.60 3.52 -43.83
N LEU A 599 -37.75 4.01 -42.91
CA LEU A 599 -37.85 5.35 -42.37
C LEU A 599 -36.85 6.25 -43.11
N HIS A 600 -37.32 7.39 -43.61
CA HIS A 600 -36.45 8.25 -44.40
C HIS A 600 -36.16 9.58 -43.72
N PHE A 601 -34.89 9.97 -43.62
CA PHE A 601 -34.56 11.33 -43.20
C PHE A 601 -33.66 12.08 -44.20
N THR A 602 -33.83 13.40 -44.26
CA THR A 602 -33.06 14.21 -45.20
C THR A 602 -32.57 15.46 -44.45
N ASN A 603 -31.95 16.40 -45.18
CA ASN A 603 -31.55 17.70 -44.62
C ASN A 603 -32.75 18.65 -44.43
N THR A 604 -33.94 18.11 -44.72
CA THR A 604 -35.19 18.83 -44.54
C THR A 604 -36.00 18.20 -43.38
N ASN A 605 -36.61 19.06 -42.59
CA ASN A 605 -37.62 18.65 -41.60
C ASN A 605 -38.76 17.87 -42.25
N LEU A 606 -39.31 16.93 -41.48
CA LEU A 606 -40.49 16.17 -41.89
C LEU A 606 -41.74 16.90 -41.39
N ASP A 607 -42.64 17.22 -42.32
CA ASP A 607 -43.96 17.79 -42.04
C ASP A 607 -43.86 18.98 -41.10
N GLY A 608 -42.90 19.86 -41.38
CA GLY A 608 -42.67 21.04 -40.56
C GLY A 608 -42.29 20.86 -39.10
N GLN A 609 -41.75 19.71 -38.72
CA GLN A 609 -41.43 19.44 -37.31
C GLN A 609 -39.96 19.72 -37.05
N GLN A 610 -39.70 20.64 -36.12
CA GLN A 610 -38.33 21.05 -35.87
C GLN A 610 -37.50 19.87 -35.34
N TYR A 611 -36.20 19.88 -35.71
CA TYR A 611 -35.20 18.88 -35.28
C TYR A 611 -35.40 17.47 -35.79
N THR A 612 -36.11 17.33 -36.91
CA THR A 612 -36.33 16.02 -37.55
C THR A 612 -35.47 15.88 -38.82
N ALA A 613 -34.76 16.96 -39.17
CA ALA A 613 -33.73 16.95 -40.20
C ALA A 613 -32.40 16.41 -39.64
N VAL A 614 -31.61 15.76 -40.50
CA VAL A 614 -30.27 15.25 -40.16
C VAL A 614 -29.20 16.26 -40.54
N ARG A 615 -28.42 16.66 -39.54
CA ARG A 615 -27.25 17.52 -39.71
C ARG A 615 -26.38 17.56 -38.46
N GLY A 616 -25.16 18.09 -38.63
CA GLY A 616 -24.19 18.18 -37.55
C GLY A 616 -24.48 19.25 -36.52
N TYR A 617 -24.24 18.90 -35.26
CA TYR A 617 -24.30 19.83 -34.14
C TYR A 617 -23.03 19.70 -33.31
N ALA A 618 -22.78 20.69 -32.46
CA ALA A 618 -21.70 20.57 -31.49
C ALA A 618 -22.17 21.27 -30.25
N ASN A 619 -22.50 20.50 -29.23
CA ASN A 619 -22.98 21.06 -27.97
C ASN A 619 -22.54 20.17 -26.78
N PRO A 620 -22.92 20.54 -25.55
CA PRO A 620 -22.38 19.71 -24.46
C PRO A 620 -22.82 18.24 -24.44
N ASP A 621 -23.91 17.90 -25.15
CA ASP A 621 -24.39 16.49 -25.22
C ASP A 621 -23.90 15.76 -26.47
N VAL A 622 -24.11 16.38 -27.62
CA VAL A 622 -23.83 15.74 -28.90
C VAL A 622 -22.76 16.50 -29.70
N THR A 623 -21.75 15.76 -30.14
CA THR A 623 -20.85 16.27 -31.16
C THR A 623 -20.93 15.34 -32.37
N GLY A 624 -21.81 15.72 -33.28
CA GLY A 624 -22.21 14.89 -34.41
C GLY A 624 -23.72 14.94 -34.50
N TYR A 625 -24.37 13.77 -34.53
CA TYR A 625 -25.82 13.70 -34.57
C TYR A 625 -26.38 12.46 -33.85
N LEU A 626 -27.45 12.66 -33.08
CA LEU A 626 -28.21 11.57 -32.44
C LEU A 626 -29.72 11.72 -32.66
N ALA A 627 -30.35 10.64 -33.13
CA ALA A 627 -31.81 10.55 -33.15
C ALA A 627 -32.21 9.11 -32.92
N VAL A 628 -33.27 8.93 -32.15
CA VAL A 628 -33.75 7.61 -31.73
C VAL A 628 -35.29 7.55 -31.88
N TRP A 629 -35.78 6.47 -32.48
CA TRP A 629 -37.17 6.37 -32.90
C TRP A 629 -37.73 5.03 -32.43
N VAL A 630 -38.95 5.07 -31.90
CA VAL A 630 -39.69 3.88 -31.56
C VAL A 630 -41.06 3.97 -32.23
N PRO A 631 -41.71 2.81 -32.42
CA PRO A 631 -43.12 2.80 -32.81
C PRO A 631 -44.02 3.56 -31.81
N ALA A 632 -44.97 4.34 -32.33
CA ALA A 632 -45.97 5.01 -31.50
C ALA A 632 -47.05 4.00 -31.09
N GLY A 633 -47.76 4.27 -29.99
CA GLY A 633 -48.96 3.51 -29.63
C GLY A 633 -48.68 2.16 -28.98
N ALA A 634 -47.47 2.00 -28.42
CA ALA A 634 -47.23 0.88 -27.51
C ALA A 634 -48.04 1.13 -26.24
N ALA A 635 -48.59 0.06 -25.64
CA ALA A 635 -49.29 0.23 -24.37
C ALA A 635 -48.26 0.58 -23.30
N ASP A 636 -48.71 1.28 -22.24
CA ASP A 636 -47.79 1.83 -21.24
C ASP A 636 -47.09 0.74 -20.45
N ASP A 637 -47.71 -0.44 -20.37
CA ASP A 637 -47.06 -1.57 -19.69
C ASP A 637 -46.31 -2.52 -20.65
N GLN A 638 -46.11 -2.11 -21.92
CA GLN A 638 -45.43 -3.00 -22.86
C GLN A 638 -44.02 -3.33 -22.33
N ASP A 639 -43.69 -4.62 -22.32
CA ASP A 639 -42.45 -5.11 -21.76
C ASP A 639 -41.90 -6.12 -22.74
N ALA A 640 -40.77 -5.78 -23.36
CA ALA A 640 -40.24 -6.51 -24.51
C ALA A 640 -39.18 -7.56 -24.14
N ARG A 641 -38.94 -7.74 -22.84
CA ARG A 641 -37.94 -8.69 -22.31
C ARG A 641 -38.32 -10.17 -22.46
N THR A 642 -37.32 -11.04 -22.35
CA THR A 642 -37.52 -12.47 -22.56
C THR A 642 -37.05 -13.21 -21.30
N ALA A 643 -37.92 -14.05 -20.71
CA ALA A 643 -37.58 -14.80 -19.50
C ALA A 643 -36.71 -15.99 -19.84
N PRO A 644 -35.73 -16.31 -18.96
CA PRO A 644 -34.80 -17.40 -19.26
C PRO A 644 -35.49 -18.76 -19.31
N SER A 645 -35.08 -19.58 -20.27
CA SER A 645 -35.64 -20.91 -20.41
C SER A 645 -35.02 -21.84 -19.36
N ASP A 646 -35.84 -22.75 -18.83
CA ASP A 646 -35.38 -23.73 -17.85
C ASP A 646 -35.08 -25.07 -18.53
N GLU A 647 -34.89 -24.99 -19.84
CA GLU A 647 -34.54 -26.14 -20.66
C GLU A 647 -33.13 -26.59 -20.32
N ALA A 648 -32.87 -27.90 -20.37
CA ALA A 648 -31.51 -28.40 -20.07
C ALA A 648 -30.47 -27.90 -21.09
N HIS A 649 -29.33 -27.43 -20.60
CA HIS A 649 -28.20 -27.09 -21.48
C HIS A 649 -27.63 -28.30 -22.22
N THR A 650 -27.46 -28.16 -23.54
CA THR A 650 -26.82 -29.18 -24.37
C THR A 650 -25.33 -29.08 -24.20
N THR A 651 -24.89 -27.87 -23.93
CA THR A 651 -23.49 -27.52 -23.93
C THR A 651 -23.01 -27.18 -22.50
N LYS A 652 -21.79 -27.59 -22.15
CA LYS A 652 -21.19 -27.19 -20.87
C LYS A 652 -20.83 -25.70 -20.77
N THR A 653 -21.83 -24.89 -20.40
CA THR A 653 -21.66 -23.46 -20.09
C THR A 653 -22.69 -23.05 -19.04
N ALA A 654 -22.44 -21.93 -18.38
CA ALA A 654 -23.46 -21.30 -17.55
C ALA A 654 -24.30 -20.30 -18.39
N TYR A 655 -23.77 -19.10 -18.63
CA TYR A 655 -24.48 -18.10 -19.42
C TYR A 655 -24.47 -18.39 -20.91
N ARG A 656 -25.59 -18.03 -21.57
CA ARG A 656 -25.69 -18.07 -23.02
C ARG A 656 -26.14 -16.71 -23.51
N SER A 657 -25.56 -16.28 -24.64
CA SER A 657 -25.88 -14.99 -25.22
C SER A 657 -27.19 -15.04 -25.99
N ASN A 658 -28.26 -14.59 -25.37
CA ASN A 658 -29.57 -14.62 -26.01
C ASN A 658 -30.47 -13.54 -25.46
N ALA A 659 -31.72 -13.51 -25.95
CA ALA A 659 -32.71 -12.49 -25.56
C ALA A 659 -32.98 -12.42 -24.07
N ALA A 660 -32.92 -13.55 -23.38
CA ALA A 660 -33.05 -13.56 -21.90
C ALA A 660 -31.85 -12.89 -21.18
N LEU A 661 -30.63 -13.18 -21.61
CA LEU A 661 -29.46 -12.55 -21.02
C LEU A 661 -29.48 -11.08 -21.38
N ASP A 662 -29.74 -10.80 -22.66
CA ASP A 662 -29.97 -9.45 -23.17
C ASP A 662 -31.01 -8.64 -22.40
N SER A 663 -31.86 -9.32 -21.62
CA SER A 663 -32.87 -8.65 -20.79
C SER A 663 -32.32 -8.16 -19.45
N ASN A 664 -31.03 -8.45 -19.20
CA ASN A 664 -30.37 -7.97 -17.98
C ASN A 664 -29.62 -6.66 -18.14
N VAL A 665 -29.66 -5.83 -17.11
CA VAL A 665 -28.86 -4.63 -17.04
C VAL A 665 -28.18 -4.66 -15.67
N ILE A 666 -26.89 -4.34 -15.64
CA ILE A 666 -26.13 -4.23 -14.41
C ILE A 666 -26.05 -2.73 -14.14
N TYR A 667 -26.13 -2.37 -12.87
CA TYR A 667 -25.88 -1.00 -12.47
C TYR A 667 -24.65 -0.94 -11.56
N GLU A 668 -23.59 -0.29 -12.02
CA GLU A 668 -22.44 -0.02 -11.11
C GLU A 668 -22.75 1.18 -10.20
N GLY A 669 -23.16 0.87 -8.98
CA GLY A 669 -23.84 1.84 -8.11
C GLY A 669 -22.95 2.65 -7.19
N PHE A 670 -21.74 3.00 -7.63
CA PHE A 670 -20.87 3.86 -6.86
C PHE A 670 -19.88 4.62 -7.73
N SER A 671 -19.25 5.63 -7.12
CA SER A 671 -18.09 6.34 -7.64
C SER A 671 -17.06 6.28 -6.52
N ASN A 672 -15.79 6.39 -6.90
CA ASN A 672 -14.71 6.54 -5.94
C ASN A 672 -14.91 7.76 -5.09
N PHE A 673 -15.61 8.76 -5.65
CA PHE A 673 -15.63 10.10 -5.07
C PHE A 673 -16.85 10.47 -4.24
N ILE A 674 -17.70 9.48 -3.95
CA ILE A 674 -18.74 9.61 -2.94
C ILE A 674 -18.04 10.11 -1.68
N TYR A 675 -18.58 11.15 -1.05
CA TYR A 675 -17.98 11.67 0.20
C TYR A 675 -18.48 10.89 1.43
N TRP A 676 -17.70 10.91 2.51
CA TRP A 676 -18.17 10.40 3.81
C TRP A 676 -19.46 11.10 4.26
N PRO A 677 -20.47 10.31 4.70
CA PRO A 677 -21.77 10.84 5.13
C PRO A 677 -21.64 11.84 6.28
N THR A 678 -22.36 12.97 6.22
CA THR A 678 -22.39 13.90 7.38
C THR A 678 -23.55 13.55 8.34
N THR A 679 -24.51 12.77 7.87
CA THR A 679 -25.60 12.25 8.69
C THR A 679 -25.93 10.82 8.24
N GLU A 680 -26.52 10.03 9.13
CA GLU A 680 -26.94 8.65 8.82
C GLU A 680 -27.85 8.51 7.58
N SER A 681 -28.74 9.49 7.35
CA SER A 681 -29.59 9.47 6.16
C SER A 681 -28.77 9.68 4.86
N GLU A 682 -27.52 10.13 5.00
CA GLU A 682 -26.67 10.33 3.83
C GLU A 682 -25.89 9.08 3.42
N ARG A 683 -26.02 8.00 4.20
CA ARG A 683 -25.26 6.77 3.96
C ARG A 683 -25.69 6.09 2.66
N THR A 684 -24.70 5.76 1.82
CA THR A 684 -24.96 5.15 0.53
C THR A 684 -25.97 3.99 0.61
N ASN A 685 -25.72 3.08 1.57
CA ASN A 685 -26.50 1.86 1.65
C ASN A 685 -27.90 2.03 2.21
N VAL A 686 -28.11 3.07 3.02
CA VAL A 686 -29.46 3.45 3.49
C VAL A 686 -30.24 3.96 2.28
N ARG A 687 -29.64 4.88 1.53
CA ARG A 687 -30.26 5.49 0.37
C ARG A 687 -30.49 4.49 -0.76
N ILE A 688 -29.62 3.47 -0.86
CA ILE A 688 -29.80 2.39 -1.85
C ILE A 688 -31.09 1.64 -1.48
N ALA A 689 -31.25 1.37 -0.19
CA ALA A 689 -32.43 0.67 0.32
C ALA A 689 -33.74 1.40 0.04
N GLN A 690 -33.68 2.73 -0.01
CA GLN A 690 -34.86 3.58 -0.30
C GLN A 690 -35.27 3.72 -1.78
N ASN A 691 -34.41 3.27 -2.68
CA ASN A 691 -34.58 3.49 -4.11
C ASN A 691 -34.62 2.23 -4.96
N ALA A 692 -34.84 1.07 -4.35
CA ALA A 692 -34.83 -0.18 -5.14
C ALA A 692 -35.92 -0.25 -6.25
N ASP A 693 -37.10 0.33 -6.00
CA ASP A 693 -38.14 0.45 -7.03
C ASP A 693 -37.68 1.42 -8.13
N LEU A 694 -37.03 2.50 -7.75
CA LEU A 694 -36.47 3.42 -8.74
C LEU A 694 -35.52 2.62 -9.69
N PHE A 695 -34.58 1.86 -9.13
CA PHE A 695 -33.64 1.09 -9.96
C PHE A 695 -34.35 0.06 -10.85
N LYS A 696 -35.35 -0.63 -10.28
CA LYS A 696 -36.17 -1.61 -10.99
C LYS A 696 -36.90 -0.98 -12.20
N SER A 697 -37.49 0.19 -12.00
CA SER A 697 -38.07 0.93 -13.12
C SER A 697 -37.10 1.12 -14.31
N TRP A 698 -35.78 1.04 -14.08
CA TRP A 698 -34.82 1.28 -15.18
C TRP A 698 -34.46 0.01 -15.90
N GLY A 699 -35.06 -1.08 -15.47
CA GLY A 699 -34.69 -2.35 -16.00
C GLY A 699 -33.42 -2.92 -15.39
N ILE A 700 -32.97 -2.43 -14.23
CA ILE A 700 -31.79 -3.01 -13.57
C ILE A 700 -32.16 -4.35 -12.96
N THR A 701 -31.47 -5.42 -13.38
CA THR A 701 -31.72 -6.76 -12.82
C THR A 701 -30.67 -7.18 -11.81
N THR A 702 -29.46 -6.61 -11.93
CA THR A 702 -28.49 -6.75 -10.87
C THR A 702 -27.78 -5.44 -10.50
N PHE A 703 -27.69 -5.19 -9.20
CA PHE A 703 -27.06 -3.99 -8.64
C PHE A 703 -25.64 -4.36 -8.21
N GLU A 704 -24.64 -3.77 -8.87
CA GLU A 704 -23.25 -4.04 -8.47
C GLU A 704 -22.86 -3.04 -7.39
N LEU A 705 -22.82 -3.52 -6.15
CA LEU A 705 -22.35 -2.71 -5.00
C LEU A 705 -20.84 -2.52 -5.04
N ALA A 706 -20.40 -1.39 -4.53
CA ALA A 706 -18.98 -1.21 -4.23
C ALA A 706 -18.43 -2.30 -3.30
N PRO A 707 -17.11 -2.52 -3.32
CA PRO A 707 -16.57 -3.44 -2.33
C PRO A 707 -16.86 -2.89 -0.93
N GLN A 708 -17.32 -3.74 0.01
CA GLN A 708 -17.79 -3.31 1.35
C GLN A 708 -16.78 -3.45 2.52
N TYR A 709 -15.56 -3.86 2.21
CA TYR A 709 -14.49 -4.06 3.19
C TYR A 709 -14.07 -2.68 3.67
N ASN A 710 -13.98 -2.54 4.99
CA ASN A 710 -13.46 -1.31 5.64
C ASN A 710 -12.08 -0.87 5.17
N SER A 711 -11.96 0.41 4.85
CA SER A 711 -10.77 0.89 4.20
C SER A 711 -9.57 0.82 5.15
N SER A 712 -8.36 0.69 4.62
CA SER A 712 -7.16 0.76 5.49
C SER A 712 -6.88 2.21 5.88
N LYS A 713 -7.47 3.15 5.11
CA LYS A 713 -7.34 4.59 5.37
C LYS A 713 -5.87 5.04 5.48
N ASP A 714 -4.98 4.27 4.88
CA ASP A 714 -3.57 4.50 5.05
C ASP A 714 -2.97 5.56 4.05
N GLY A 715 -3.72 5.87 3.00
CA GLY A 715 -3.32 6.93 2.08
C GLY A 715 -2.23 6.55 1.09
N THR A 716 -1.93 5.26 0.99
CA THR A 716 -0.86 4.77 0.11
C THR A 716 -1.33 4.53 -1.32
N PHE A 717 -2.64 4.63 -1.55
CA PHE A 717 -3.20 4.59 -2.89
C PHE A 717 -4.55 5.33 -2.92
N LEU A 718 -4.98 5.76 -4.10
CA LEU A 718 -6.30 6.44 -4.18
C LEU A 718 -7.37 5.67 -3.42
N ASP A 719 -7.37 4.35 -3.54
CA ASP A 719 -8.40 3.55 -2.81
C ASP A 719 -8.41 3.78 -1.31
N SER A 720 -7.25 4.07 -0.71
CA SER A 720 -7.18 4.28 0.74
C SER A 720 -7.08 5.75 1.05
N ILE A 721 -7.45 6.59 0.09
CA ILE A 721 -7.59 8.04 0.30
C ILE A 721 -9.09 8.38 0.37
N ILE A 722 -9.87 7.90 -0.60
CA ILE A 722 -11.31 8.17 -0.67
C ILE A 722 -12.12 6.95 -0.20
N ASP A 723 -11.41 5.92 0.29
CA ASP A 723 -11.98 4.76 0.97
C ASP A 723 -13.14 4.11 0.22
N ASN A 724 -12.83 3.59 -0.97
CA ASN A 724 -13.85 2.99 -1.82
C ASN A 724 -14.18 1.54 -1.42
N GLY A 725 -13.23 0.90 -0.76
CA GLY A 725 -13.37 -0.46 -0.28
C GLY A 725 -12.42 -1.43 -0.97
N TYR A 726 -11.63 -0.96 -1.94
CA TYR A 726 -10.70 -1.82 -2.64
C TYR A 726 -9.41 -2.08 -1.87
N ALA A 727 -9.06 -1.17 -0.96
CA ALA A 727 -7.87 -1.26 -0.14
C ALA A 727 -8.29 -1.42 1.32
N PHE A 728 -8.02 -2.60 1.89
CA PHE A 728 -8.48 -2.96 3.24
C PHE A 728 -7.47 -3.89 3.88
N THR A 729 -7.50 -3.96 5.20
CA THR A 729 -6.63 -4.85 5.98
C THR A 729 -7.39 -6.14 6.31
N ASP A 730 -8.69 -6.00 6.61
CA ASP A 730 -9.51 -7.09 7.10
C ASP A 730 -10.58 -7.50 6.07
N ARG A 731 -10.38 -8.71 5.53
CA ARG A 731 -11.20 -9.21 4.41
C ARG A 731 -12.69 -9.44 4.76
N TYR A 732 -12.95 -9.69 6.04
CA TYR A 732 -14.27 -10.10 6.53
C TYR A 732 -14.97 -9.00 7.32
N ASP A 733 -14.35 -7.84 7.40
CA ASP A 733 -14.92 -6.71 8.10
C ASP A 733 -15.73 -5.86 7.16
N LEU A 734 -17.02 -6.14 6.97
CA LEU A 734 -17.81 -5.33 5.99
C LEU A 734 -18.66 -4.32 6.74
N GLY A 735 -18.03 -3.22 7.10
CA GLY A 735 -18.69 -2.21 7.94
C GLY A 735 -19.06 -2.70 9.33
N MET A 736 -18.36 -3.73 9.80
CA MET A 736 -18.70 -4.36 11.09
C MET A 736 -17.96 -3.79 12.30
N SER A 737 -16.62 -3.63 12.22
CA SER A 737 -15.89 -3.04 13.37
C SER A 737 -16.33 -1.61 13.64
N THR A 738 -16.89 -0.99 12.60
CA THR A 738 -17.08 0.45 12.49
C THR A 738 -17.65 0.67 11.07
N PRO A 739 -18.37 1.77 10.85
CA PRO A 739 -18.98 1.84 9.51
C PRO A 739 -17.96 1.96 8.38
N ASN A 740 -18.23 1.35 7.20
CA ASN A 740 -17.54 1.72 5.96
C ASN A 740 -18.17 3.01 5.48
N LYS A 741 -17.68 3.50 4.35
CA LYS A 741 -18.16 4.78 3.83
C LYS A 741 -19.65 4.72 3.47
N TYR A 742 -20.17 3.51 3.28
CA TYR A 742 -21.52 3.33 2.75
C TYR A 742 -22.50 3.00 3.88
N GLY A 743 -21.97 2.66 5.05
CA GLY A 743 -22.80 2.43 6.23
C GLY A 743 -22.30 1.30 7.10
N SER A 744 -23.16 0.82 8.00
CA SER A 744 -22.81 -0.30 8.87
C SER A 744 -23.10 -1.57 8.12
N ASP A 745 -22.71 -2.71 8.70
CA ASP A 745 -23.14 -4.01 8.19
C ASP A 745 -24.68 -4.17 8.20
N GLU A 746 -25.34 -3.60 9.22
CA GLU A 746 -26.80 -3.51 9.27
C GLU A 746 -27.37 -2.78 8.03
N ASP A 747 -26.84 -1.59 7.72
CA ASP A 747 -27.24 -0.87 6.49
C ASP A 747 -26.99 -1.73 5.24
N LEU A 748 -25.86 -2.44 5.22
CA LEU A 748 -25.55 -3.31 4.08
C LEU A 748 -26.60 -4.41 3.90
N ARG A 749 -26.86 -5.15 4.98
CA ARG A 749 -27.92 -6.16 4.97
C ARG A 749 -29.27 -5.59 4.58
N ASN A 750 -29.63 -4.41 5.11
CA ASN A 750 -30.93 -3.78 4.74
C ASN A 750 -30.99 -3.40 3.26
N ALA A 751 -29.87 -2.89 2.72
CA ALA A 751 -29.77 -2.55 1.29
C ALA A 751 -30.03 -3.77 0.41
N LEU A 752 -29.43 -4.91 0.79
CA LEU A 752 -29.54 -6.20 0.08
C LEU A 752 -30.95 -6.78 0.16
N GLN A 753 -31.52 -6.73 1.36
CA GLN A 753 -32.88 -7.17 1.62
C GLN A 753 -33.85 -6.31 0.83
N ALA A 754 -33.65 -4.99 0.87
CA ALA A 754 -34.52 -4.11 0.06
C ALA A 754 -34.35 -4.38 -1.46
N LEU A 755 -33.11 -4.60 -1.92
CA LEU A 755 -32.95 -4.93 -3.33
C LEU A 755 -33.71 -6.22 -3.72
N HIS A 756 -33.55 -7.28 -2.93
CA HIS A 756 -34.24 -8.57 -3.14
C HIS A 756 -35.76 -8.47 -3.12
N LYS A 757 -36.28 -7.63 -2.21
CA LYS A 757 -37.71 -7.29 -2.16
C LYS A 757 -38.22 -6.78 -3.52
N ALA A 758 -37.43 -5.93 -4.18
CA ALA A 758 -37.75 -5.41 -5.53
C ALA A 758 -37.51 -6.44 -6.65
N GLY A 759 -36.92 -7.58 -6.29
CA GLY A 759 -36.54 -8.59 -7.28
C GLY A 759 -35.20 -8.37 -7.98
N LEU A 760 -34.37 -7.45 -7.45
CA LEU A 760 -33.00 -7.22 -7.96
C LEU A 760 -31.97 -8.18 -7.31
N GLN A 761 -30.97 -8.58 -8.09
CA GLN A 761 -29.81 -9.29 -7.54
C GLN A 761 -28.75 -8.26 -7.08
N ALA A 762 -27.76 -8.71 -6.33
CA ALA A 762 -26.75 -7.83 -5.79
C ALA A 762 -25.38 -8.51 -5.90
N ILE A 763 -24.37 -7.76 -6.33
CA ILE A 763 -23.07 -8.35 -6.56
C ILE A 763 -22.08 -7.90 -5.50
N ALA A 764 -21.34 -8.89 -4.97
CA ALA A 764 -20.21 -8.68 -4.10
C ALA A 764 -18.91 -8.51 -4.91
N ASP A 765 -18.19 -7.42 -4.69
CA ASP A 765 -16.93 -7.24 -5.33
C ASP A 765 -15.85 -8.12 -4.60
N TRP A 766 -15.39 -9.18 -5.25
CA TRP A 766 -14.49 -10.17 -4.64
C TRP A 766 -13.12 -9.68 -5.05
N VAL A 767 -12.29 -9.38 -4.03
CA VAL A 767 -10.96 -8.73 -4.19
C VAL A 767 -9.80 -9.60 -3.62
N PRO A 768 -9.52 -10.79 -4.21
CA PRO A 768 -8.47 -11.73 -3.72
C PRO A 768 -7.03 -11.38 -4.15
N ASP A 769 -6.87 -10.28 -4.88
CA ASP A 769 -5.48 -9.88 -5.27
C ASP A 769 -4.55 -9.51 -4.11
N GLN A 770 -5.04 -8.74 -3.16
CA GLN A 770 -4.15 -8.03 -2.23
C GLN A 770 -4.85 -7.58 -0.95
N ILE A 771 -4.02 -7.04 -0.04
CA ILE A 771 -4.40 -6.63 1.33
C ILE A 771 -3.45 -5.51 1.73
N TYR A 772 -3.94 -4.49 2.42
CA TYR A 772 -3.14 -3.34 2.74
C TYR A 772 -2.86 -3.25 4.24
N ASN A 773 -1.77 -2.55 4.55
CA ASN A 773 -1.55 -2.01 5.87
C ASN A 773 -1.49 -3.01 7.04
N LEU A 774 -0.80 -4.13 6.86
CA LEU A 774 -0.66 -5.10 7.94
C LEU A 774 0.39 -4.53 8.91
N PRO A 775 0.03 -4.38 10.20
CA PRO A 775 0.88 -3.70 11.20
C PRO A 775 2.13 -4.46 11.68
N GLY A 776 2.16 -5.79 11.58
CA GLY A 776 3.27 -6.58 12.18
C GLY A 776 4.46 -6.72 11.23
N LYS A 777 5.65 -6.29 11.70
CA LYS A 777 6.89 -6.31 10.91
C LYS A 777 7.46 -7.73 10.77
N GLU A 778 8.14 -8.02 9.67
CA GLU A 778 8.62 -9.36 9.40
C GLU A 778 9.83 -9.24 8.51
N ALA A 779 10.91 -9.90 8.89
CA ALA A 779 12.13 -9.93 8.09
C ALA A 779 11.97 -10.99 7.03
N VAL A 780 12.07 -10.58 5.78
CA VAL A 780 11.84 -11.46 4.63
C VAL A 780 13.00 -11.22 3.65
N THR A 781 13.49 -12.32 3.06
CA THR A 781 14.42 -12.24 1.94
C THR A 781 13.66 -11.87 0.67
N VAL A 782 14.02 -10.71 0.10
CA VAL A 782 13.33 -10.13 -1.06
C VAL A 782 14.27 -9.81 -2.24
N THR A 783 13.70 -9.64 -3.44
CA THR A 783 14.43 -9.20 -4.63
C THR A 783 13.59 -8.16 -5.34
N ARG A 784 14.15 -6.98 -5.58
CA ARG A 784 13.42 -5.92 -6.27
C ARG A 784 13.03 -6.45 -7.65
N SER A 785 11.79 -6.18 -8.07
CA SER A 785 11.33 -6.72 -9.33
C SER A 785 10.27 -5.85 -10.01
N ASP A 786 10.15 -5.98 -11.33
CA ASP A 786 9.00 -5.42 -12.07
C ASP A 786 7.68 -6.13 -11.72
N ASP A 787 6.58 -5.69 -12.35
CA ASP A 787 5.24 -6.16 -12.04
C ASP A 787 4.92 -7.61 -12.38
N HIS A 788 5.85 -8.28 -13.06
CA HIS A 788 5.76 -9.69 -13.35
C HIS A 788 6.71 -10.49 -12.42
N GLY A 789 7.47 -9.80 -11.56
CA GLY A 789 8.42 -10.49 -10.68
C GLY A 789 9.75 -10.82 -11.37
N THR A 790 10.00 -10.19 -12.53
CA THR A 790 11.31 -10.28 -13.13
C THR A 790 12.31 -9.39 -12.34
N THR A 791 13.40 -10.00 -11.91
CA THR A 791 14.42 -9.34 -11.15
C THR A 791 14.90 -8.02 -11.79
N TRP A 792 14.89 -6.96 -11.01
CA TRP A 792 15.32 -5.65 -11.45
C TRP A 792 16.85 -5.65 -11.46
N GLU A 793 17.43 -5.82 -12.65
CA GLU A 793 18.87 -6.07 -12.75
C GLU A 793 19.79 -5.00 -12.12
N VAL A 794 19.42 -3.72 -12.18
CA VAL A 794 20.34 -2.70 -11.66
C VAL A 794 20.24 -2.50 -10.13
N SER A 795 19.25 -3.15 -9.51
CA SER A 795 19.04 -3.09 -8.07
C SER A 795 20.02 -3.95 -7.30
N PRO A 796 20.64 -3.37 -6.27
CA PRO A 796 21.41 -4.20 -5.33
C PRO A 796 20.50 -5.01 -4.38
N ILE A 797 19.18 -4.79 -4.41
CA ILE A 797 18.26 -5.57 -3.55
C ILE A 797 17.91 -6.92 -4.24
N LYS A 798 18.73 -7.93 -3.94
CA LYS A 798 18.72 -9.23 -4.61
C LYS A 798 19.02 -10.23 -3.52
N ASN A 799 18.09 -11.15 -3.27
CA ASN A 799 18.22 -12.08 -2.12
C ASN A 799 18.68 -11.39 -0.81
N VAL A 800 18.03 -10.27 -0.49
CA VAL A 800 18.45 -9.40 0.63
C VAL A 800 17.36 -9.34 1.71
N VAL A 801 17.74 -9.46 2.99
CA VAL A 801 16.74 -9.43 4.06
C VAL A 801 16.22 -8.01 4.20
N TYR A 802 14.91 -7.89 4.28
CA TYR A 802 14.18 -6.62 4.20
C TYR A 802 12.98 -6.65 5.19
N ILE A 803 12.70 -5.52 5.85
CA ILE A 803 11.57 -5.43 6.76
C ILE A 803 10.22 -5.13 6.05
N THR A 804 9.32 -6.11 6.05
CA THR A 804 8.05 -6.01 5.38
C THR A 804 6.95 -5.78 6.40
N ASN A 805 5.78 -5.29 5.96
CA ASN A 805 4.62 -5.12 6.83
C ASN A 805 3.60 -6.19 6.41
N THR A 806 3.81 -7.42 6.87
CA THR A 806 3.09 -8.58 6.37
C THR A 806 2.29 -9.39 7.43
N ILE A 807 2.32 -9.01 8.71
CA ILE A 807 1.65 -9.80 9.73
C ILE A 807 0.46 -9.07 10.32
N GLY A 808 -0.70 -9.70 10.20
CA GLY A 808 -1.97 -9.24 10.82
C GLY A 808 -3.18 -9.66 9.96
N GLY A 809 -4.24 -8.85 10.00
CA GLY A 809 -5.44 -9.15 9.20
C GLY A 809 -6.78 -8.86 9.82
N GLY A 810 -6.80 -8.34 11.05
CA GLY A 810 -8.05 -8.03 11.74
C GLY A 810 -8.72 -9.17 12.49
N GLU A 811 -9.64 -8.79 13.38
CA GLU A 811 -10.46 -9.73 14.16
C GLU A 811 -11.47 -10.53 13.32
N TYR A 812 -11.88 -10.00 12.17
CA TYR A 812 -12.87 -10.72 11.39
C TYR A 812 -12.24 -11.83 10.52
N GLN A 813 -11.12 -11.52 9.85
CA GLN A 813 -10.26 -12.57 9.30
C GLN A 813 -9.94 -13.65 10.38
N LYS A 814 -9.68 -13.23 11.61
CA LYS A 814 -9.38 -14.18 12.69
C LYS A 814 -10.60 -15.02 13.10
N LYS A 815 -11.75 -14.36 13.17
CA LYS A 815 -13.03 -14.98 13.56
C LYS A 815 -13.55 -15.96 12.50
N TYR A 816 -13.41 -15.62 11.22
CA TYR A 816 -14.02 -16.41 10.16
C TYR A 816 -13.11 -17.21 9.23
N GLY A 817 -11.79 -16.97 9.26
CA GLY A 817 -10.88 -17.60 8.28
C GLY A 817 -10.82 -19.11 8.41
N GLY A 818 -11.21 -19.79 7.34
CA GLY A 818 -11.20 -21.25 7.26
C GLY A 818 -12.39 -21.92 7.93
N GLU A 819 -13.29 -21.12 8.50
CA GLU A 819 -14.36 -21.66 9.39
C GLU A 819 -15.56 -22.36 8.71
N PHE A 820 -15.67 -22.18 7.41
CA PHE A 820 -16.76 -22.72 6.63
C PHE A 820 -16.25 -23.87 5.79
N LEU A 821 -14.94 -24.14 5.89
CA LEU A 821 -14.29 -25.21 5.13
C LEU A 821 -14.84 -26.57 5.51
N ASP A 822 -15.20 -26.72 6.79
CA ASP A 822 -15.96 -27.85 7.30
C ASP A 822 -17.29 -28.07 6.59
N THR A 823 -18.16 -27.05 6.65
CA THR A 823 -19.47 -27.07 5.97
C THR A 823 -19.34 -27.45 4.51
N LEU A 824 -18.35 -26.83 3.85
CA LEU A 824 -18.07 -27.02 2.44
C LEU A 824 -17.69 -28.45 2.09
N GLN A 825 -16.81 -29.07 2.90
CA GLN A 825 -16.41 -30.48 2.77
C GLN A 825 -17.62 -31.43 2.94
N LYS A 826 -18.45 -31.09 3.93
CA LYS A 826 -19.61 -31.90 4.28
C LYS A 826 -20.63 -31.85 3.15
N GLU A 827 -20.98 -30.64 2.71
CA GLU A 827 -22.05 -30.41 1.75
C GLU A 827 -21.64 -30.62 0.31
N TYR A 828 -20.39 -30.31 -0.03
CA TYR A 828 -19.94 -30.34 -1.42
C TYR A 828 -18.56 -31.00 -1.54
N PRO A 829 -18.47 -32.30 -1.19
CA PRO A 829 -17.13 -32.93 -1.12
C PRO A 829 -16.39 -32.81 -2.46
N GLN A 830 -17.16 -32.75 -3.53
CA GLN A 830 -16.66 -32.62 -4.89
C GLN A 830 -15.75 -31.40 -5.13
N LEU A 831 -15.84 -30.39 -4.28
CA LEU A 831 -14.97 -29.21 -4.43
C LEU A 831 -13.52 -29.49 -4.03
N PHE A 832 -13.32 -30.49 -3.18
CA PHE A 832 -12.02 -30.77 -2.58
C PHE A 832 -11.27 -31.89 -3.30
N SER A 833 -11.80 -32.29 -4.46
CA SER A 833 -11.19 -33.32 -5.26
C SER A 833 -10.76 -32.80 -6.64
N GLN A 834 -11.13 -31.56 -6.96
CA GLN A 834 -10.82 -30.93 -8.27
C GLN A 834 -9.37 -30.51 -8.42
N VAL A 835 -8.71 -30.98 -9.47
CA VAL A 835 -7.33 -30.54 -9.79
C VAL A 835 -7.40 -29.31 -10.68
N TYR A 836 -6.78 -28.23 -10.21
CA TYR A 836 -6.84 -26.96 -10.93
C TYR A 836 -5.66 -26.84 -11.88
N PRO A 837 -5.86 -26.13 -13.01
CA PRO A 837 -4.91 -26.19 -14.13
C PRO A 837 -3.51 -25.62 -13.90
N VAL A 838 -3.35 -24.59 -13.05
CA VAL A 838 -2.00 -23.98 -12.81
C VAL A 838 -1.20 -24.81 -11.79
N THR A 839 -1.77 -25.03 -10.62
CA THR A 839 -1.17 -25.83 -9.55
C THR A 839 -1.11 -27.34 -9.85
N GLN A 840 -2.00 -27.81 -10.72
CA GLN A 840 -2.11 -29.26 -11.03
C GLN A 840 -2.27 -30.17 -9.80
N THR A 841 -2.89 -29.60 -8.76
CA THR A 841 -3.30 -30.34 -7.55
C THR A 841 -4.61 -29.70 -7.04
N THR A 842 -5.12 -30.20 -5.92
CA THR A 842 -6.34 -29.65 -5.33
C THR A 842 -6.11 -28.45 -4.42
N ILE A 843 -7.21 -27.76 -4.09
CA ILE A 843 -7.16 -26.88 -2.92
C ILE A 843 -6.83 -27.73 -1.66
N ASP A 844 -6.35 -27.04 -0.62
CA ASP A 844 -5.87 -27.64 0.59
C ASP A 844 -6.55 -26.99 1.80
N PRO A 845 -7.62 -27.61 2.33
CA PRO A 845 -8.30 -27.07 3.52
C PRO A 845 -7.65 -27.47 4.86
N SER A 846 -6.53 -28.19 4.86
CA SER A 846 -6.00 -28.73 6.12
C SER A 846 -5.37 -27.65 7.03
N VAL A 847 -5.12 -26.48 6.48
CA VAL A 847 -4.59 -25.34 7.26
C VAL A 847 -5.51 -24.12 7.05
N LYS A 848 -5.97 -23.55 8.16
CA LYS A 848 -6.84 -22.36 8.12
C LYS A 848 -5.95 -21.12 8.18
N ILE A 849 -6.26 -20.12 7.34
CA ILE A 849 -5.64 -18.80 7.47
C ILE A 849 -6.49 -17.90 8.38
N LYS A 850 -5.96 -17.62 9.56
CA LYS A 850 -6.60 -16.70 10.51
C LYS A 850 -5.74 -15.45 10.71
N GLU A 851 -4.51 -15.50 10.20
CA GLU A 851 -3.62 -14.36 10.22
C GLU A 851 -2.65 -14.51 9.06
N TRP A 852 -2.45 -13.39 8.36
CA TRP A 852 -1.52 -13.29 7.27
C TRP A 852 -0.09 -13.10 7.76
N SER A 853 0.85 -13.66 7.01
CA SER A 853 2.30 -13.40 7.13
C SER A 853 2.91 -13.71 5.77
N ALA A 854 4.19 -13.36 5.62
CA ALA A 854 4.86 -13.29 4.31
C ALA A 854 4.78 -14.57 3.49
N LYS A 855 4.75 -15.71 4.18
CA LYS A 855 4.68 -17.02 3.52
C LYS A 855 3.46 -17.11 2.57
N TYR A 856 2.44 -16.27 2.79
CA TYR A 856 1.22 -16.26 1.96
C TYR A 856 1.18 -15.14 0.92
N PHE A 857 2.30 -14.44 0.72
CA PHE A 857 2.35 -13.31 -0.19
C PHE A 857 3.40 -13.55 -1.26
N ASN A 858 3.14 -13.05 -2.46
CA ASN A 858 4.07 -13.16 -3.59
C ASN A 858 5.10 -12.05 -3.43
N GLY A 859 4.73 -10.98 -2.71
CA GLY A 859 5.62 -9.80 -2.51
C GLY A 859 4.84 -8.56 -2.00
N THR A 860 5.42 -7.37 -2.21
CA THR A 860 4.88 -6.10 -1.67
C THR A 860 5.36 -4.92 -2.53
N ASN A 861 4.59 -3.82 -2.62
CA ASN A 861 5.19 -2.56 -3.15
C ASN A 861 6.42 -2.22 -2.28
N ILE A 862 7.36 -1.47 -2.83
CA ILE A 862 8.54 -0.99 -2.07
C ILE A 862 8.08 -0.13 -0.87
N LEU A 863 8.80 -0.21 0.24
CA LEU A 863 8.31 0.42 1.48
C LEU A 863 9.16 1.60 1.90
N HIS A 864 10.28 1.81 1.20
CA HIS A 864 11.09 3.02 1.41
C HIS A 864 11.93 2.94 2.67
N ARG A 865 12.14 1.72 3.17
CA ARG A 865 13.07 1.48 4.27
C ARG A 865 14.52 1.53 3.87
N GLY A 866 14.81 1.28 2.61
CA GLY A 866 16.21 1.34 2.09
C GLY A 866 16.83 -0.03 1.92
N ALA A 867 17.68 -0.17 0.90
CA ALA A 867 18.49 -1.39 0.72
C ALA A 867 19.23 -1.85 1.99
N GLY A 868 19.80 -0.92 2.75
CA GLY A 868 20.67 -1.23 3.91
C GLY A 868 19.97 -1.19 5.28
N TYR A 869 18.64 -1.06 5.30
CA TYR A 869 17.89 -0.91 6.57
C TYR A 869 18.18 -2.00 7.59
N VAL A 870 18.21 -3.24 7.12
CA VAL A 870 18.59 -4.41 7.93
C VAL A 870 20.11 -4.48 8.05
N LEU A 871 20.62 -4.44 9.28
CA LEU A 871 22.03 -4.19 9.47
C LEU A 871 22.88 -5.42 9.18
N ARG A 872 23.99 -5.20 8.47
CA ARG A 872 24.94 -6.26 8.16
C ARG A 872 26.38 -5.74 8.30
N SER A 873 27.32 -6.62 8.67
CA SER A 873 28.75 -6.29 8.67
C SER A 873 29.28 -5.99 7.26
N ASN A 874 30.47 -5.43 7.20
CA ASN A 874 31.16 -5.14 5.93
C ASN A 874 31.18 -6.32 4.95
N ASP A 875 31.46 -7.53 5.47
CA ASP A 875 31.53 -8.76 4.66
C ASP A 875 30.20 -9.39 4.18
N GLY A 876 29.07 -8.73 4.42
CA GLY A 876 27.77 -9.24 4.01
C GLY A 876 27.07 -10.19 4.99
N LYS A 877 27.60 -10.32 6.19
CA LYS A 877 26.94 -11.18 7.19
C LYS A 877 25.93 -10.41 8.01
N TYR A 878 24.72 -10.95 8.20
CA TYR A 878 23.66 -10.21 8.89
C TYR A 878 23.83 -10.28 10.41
N TYR A 879 23.67 -9.15 11.09
CA TYR A 879 23.59 -9.25 12.55
C TYR A 879 22.31 -10.00 12.96
N ASN A 880 22.37 -10.76 14.04
CA ASN A 880 21.18 -11.45 14.53
C ASN A 880 21.29 -11.82 15.99
N LEU A 881 20.17 -11.72 16.72
CA LEU A 881 20.14 -12.17 18.12
C LEU A 881 20.35 -13.68 18.27
N GLY A 882 20.18 -14.44 17.19
CA GLY A 882 20.26 -15.92 17.24
C GLY A 882 19.00 -16.71 16.90
N THR A 883 17.91 -15.99 16.62
CA THR A 883 16.59 -16.53 16.31
C THR A 883 16.45 -17.16 14.92
N SER A 884 16.98 -16.46 13.90
CA SER A 884 16.76 -16.83 12.50
C SER A 884 18.02 -17.25 11.81
N THR A 885 19.15 -16.86 12.39
CA THR A 885 20.44 -17.29 11.92
C THR A 885 21.47 -17.09 13.05
N GLN A 886 22.75 -17.27 12.75
CA GLN A 886 23.81 -17.28 13.76
C GLN A 886 23.82 -15.98 14.55
N GLN A 887 23.96 -16.09 15.87
CA GLN A 887 24.06 -14.94 16.75
C GLN A 887 25.35 -14.20 16.42
N PHE A 888 25.18 -12.95 15.99
CA PHE A 888 26.27 -12.11 15.53
C PHE A 888 25.79 -10.67 15.75
N LEU A 889 26.55 -9.93 16.56
CA LEU A 889 26.23 -8.57 16.95
C LEU A 889 27.38 -7.67 16.56
N PRO A 890 27.15 -6.34 16.40
CA PRO A 890 28.31 -5.45 16.14
C PRO A 890 29.38 -5.57 17.22
N SER A 891 30.62 -5.22 16.88
CA SER A 891 31.73 -5.34 17.82
C SER A 891 31.59 -4.46 19.07
N GLN A 892 31.03 -3.26 18.92
CA GLN A 892 30.77 -2.36 20.06
C GLN A 892 29.65 -2.84 20.97
N LEU A 893 28.83 -3.77 20.48
CA LEU A 893 27.75 -4.38 21.30
C LEU A 893 28.15 -5.71 21.91
N SER A 894 29.24 -6.28 21.40
CA SER A 894 29.67 -7.63 21.72
C SER A 894 30.63 -7.65 22.85
N VAL A 895 30.61 -8.76 23.59
CA VAL A 895 31.50 -9.00 24.71
C VAL A 895 32.86 -9.42 24.18
N GLN A 896 33.90 -8.71 24.61
CA GLN A 896 35.22 -8.83 24.00
C GLN A 896 36.16 -9.65 24.87
N ASP A 897 36.98 -10.48 24.22
CA ASP A 897 38.09 -11.17 24.89
C ASP A 897 39.18 -10.17 25.31
N ASN A 898 39.43 -10.09 26.61
CA ASN A 898 40.33 -9.08 27.17
C ASN A 898 41.71 -9.62 27.56
N GLU A 899 42.00 -10.83 27.10
CA GLU A 899 43.31 -11.46 27.31
C GLU A 899 44.39 -10.75 26.47
N GLY A 900 45.33 -10.11 27.17
CA GLY A 900 46.39 -9.32 26.52
C GLY A 900 46.09 -7.83 26.40
N TYR A 901 44.85 -7.44 26.68
CA TYR A 901 44.42 -6.04 26.64
C TYR A 901 44.34 -5.42 28.04
N GLY A 902 44.54 -4.11 28.12
CA GLY A 902 44.59 -3.43 29.41
C GLY A 902 45.93 -3.65 30.10
N PHE A 903 45.93 -3.57 31.43
CA PHE A 903 47.14 -3.68 32.24
C PHE A 903 47.55 -5.15 32.44
N VAL A 904 48.67 -5.54 31.85
CA VAL A 904 49.16 -6.92 31.95
C VAL A 904 50.50 -6.94 32.69
N LYS A 905 50.62 -7.86 33.66
CA LYS A 905 51.87 -8.15 34.36
C LYS A 905 52.81 -8.94 33.47
N GLU A 906 54.08 -8.50 33.40
CA GLU A 906 55.16 -9.23 32.72
C GLU A 906 56.47 -8.94 33.44
N GLY A 907 57.12 -9.98 33.96
CA GLY A 907 58.25 -9.82 34.88
C GLY A 907 57.78 -9.12 36.13
N ASN A 908 58.50 -8.08 36.56
CA ASN A 908 58.09 -7.26 37.70
C ASN A 908 57.42 -5.96 37.26
N ASN A 909 57.09 -5.89 35.98
CA ASN A 909 56.44 -4.72 35.43
C ASN A 909 54.98 -4.92 35.03
N TYR A 910 54.22 -3.84 35.09
CA TYR A 910 52.91 -3.82 34.46
C TYR A 910 53.05 -3.02 33.18
N HIS A 911 52.51 -3.55 32.09
CA HIS A 911 52.39 -2.77 30.87
C HIS A 911 50.93 -2.38 30.68
N TYR A 912 50.69 -1.51 29.71
CA TYR A 912 49.36 -1.24 29.21
C TYR A 912 49.32 -1.45 27.70
N TYR A 913 48.49 -2.40 27.27
CA TYR A 913 48.23 -2.62 25.85
C TYR A 913 46.87 -2.04 25.44
N ASP A 914 46.88 -1.12 24.46
CA ASP A 914 45.67 -0.43 23.99
C ASP A 914 44.74 -1.31 23.14
N GLU A 915 43.71 -0.69 22.57
CA GLU A 915 42.69 -1.38 21.77
C GLU A 915 43.24 -2.16 20.57
N ASN A 916 44.40 -1.75 20.06
CA ASN A 916 45.07 -2.44 18.97
C ASN A 916 46.13 -3.42 19.49
N LYS A 917 46.03 -3.75 20.78
CA LYS A 917 47.01 -4.58 21.50
C LYS A 917 48.43 -4.01 21.47
N GLN A 918 48.53 -2.69 21.31
CA GLN A 918 49.82 -2.00 21.22
C GLN A 918 50.30 -1.63 22.61
N MET A 919 51.55 -1.99 22.92
CA MET A 919 52.19 -1.54 24.17
C MET A 919 52.31 -0.02 24.14
N VAL A 920 51.82 0.62 25.20
CA VAL A 920 51.88 2.08 25.33
C VAL A 920 53.18 2.50 26.06
N LYS A 921 53.87 3.49 25.52
CA LYS A 921 55.11 4.01 26.12
C LYS A 921 55.02 5.51 26.32
N ASP A 922 55.67 6.02 27.36
CA ASP A 922 55.76 7.47 27.60
C ASP A 922 54.39 8.16 27.55
N ALA A 923 53.45 7.67 28.36
CA ALA A 923 52.10 8.20 28.35
C ALA A 923 51.37 7.98 29.66
N PHE A 924 50.51 8.92 30.01
CA PHE A 924 49.63 8.81 31.17
C PHE A 924 48.34 8.09 30.76
N ILE A 925 47.89 7.17 31.60
CA ILE A 925 46.62 6.46 31.41
C ILE A 925 45.82 6.52 32.72
N GLN A 926 44.57 6.95 32.58
CA GLN A 926 43.65 7.09 33.69
C GLN A 926 42.81 5.83 33.80
N ASP A 927 42.59 5.37 35.02
CA ASP A 927 41.74 4.20 35.22
C ASP A 927 40.26 4.59 35.38
N SER A 928 39.38 3.60 35.50
CA SER A 928 37.94 3.86 35.48
C SER A 928 37.46 4.56 36.74
N VAL A 929 38.26 4.49 37.81
CA VAL A 929 37.89 5.06 39.11
C VAL A 929 38.65 6.37 39.45
N GLY A 930 39.40 6.92 38.48
CA GLY A 930 39.99 8.25 38.63
C GLY A 930 41.51 8.45 38.76
N ASN A 931 42.26 7.40 39.09
CA ASN A 931 43.73 7.47 39.23
C ASN A 931 44.49 7.64 37.91
N TRP A 932 45.67 8.25 37.98
CA TRP A 932 46.53 8.32 36.81
C TRP A 932 47.74 7.43 37.02
N TYR A 933 48.19 6.81 35.94
CA TYR A 933 49.38 5.95 35.90
C TYR A 933 50.22 6.39 34.72
N TYR A 934 51.53 6.28 34.86
CA TYR A 934 52.39 6.63 33.77
C TYR A 934 53.22 5.42 33.38
N LEU A 935 53.21 5.14 32.08
CA LEU A 935 54.07 4.11 31.53
C LEU A 935 55.28 4.79 30.89
N ASP A 936 56.47 4.42 31.38
CA ASP A 936 57.70 5.08 30.97
C ASP A 936 58.09 4.78 29.51
N LYS A 937 59.21 5.34 29.06
CA LYS A 937 59.62 5.24 27.64
C LYS A 937 59.90 3.79 27.22
N ASN A 938 60.03 2.89 28.19
CA ASN A 938 60.14 1.47 27.86
C ASN A 938 58.83 0.69 27.92
N GLY A 939 57.75 1.37 28.28
CA GLY A 939 56.42 0.78 28.43
C GLY A 939 56.15 0.27 29.84
N ASN A 940 57.02 0.63 30.77
CA ASN A 940 56.96 0.14 32.15
C ASN A 940 56.31 1.10 33.15
N MET A 941 55.22 0.65 33.76
CA MET A 941 54.55 1.42 34.80
C MET A 941 55.58 1.87 35.83
N VAL A 942 55.53 3.14 36.19
CA VAL A 942 56.37 3.65 37.27
C VAL A 942 55.61 3.52 38.59
N ALA A 943 56.29 2.98 39.61
CA ALA A 943 55.69 2.64 40.91
C ALA A 943 56.77 2.56 41.99
N ASN A 944 57.72 3.50 41.94
CA ASN A 944 58.89 3.43 42.81
C ASN A 944 58.94 4.46 43.94
N GLN A 945 57.89 5.30 44.03
CA GLN A 945 57.75 6.29 45.12
C GLN A 945 58.92 7.29 45.25
N SER A 946 59.45 7.74 44.10
CA SER A 946 60.58 8.66 44.02
C SER A 946 60.23 9.84 43.11
N PRO A 947 60.77 11.02 43.43
CA PRO A 947 60.68 12.18 42.54
C PRO A 947 61.20 11.82 41.14
N VAL A 948 60.35 12.01 40.12
CA VAL A 948 60.77 11.77 38.72
C VAL A 948 60.33 12.91 37.75
N GLU A 949 61.23 13.28 36.84
CA GLU A 949 60.98 14.31 35.82
C GLU A 949 60.23 13.71 34.64
N ILE A 950 59.08 14.31 34.29
CA ILE A 950 58.30 13.80 33.16
C ILE A 950 57.84 14.94 32.24
N SER A 951 58.15 14.80 30.96
CA SER A 951 57.72 15.79 29.97
C SER A 951 56.36 15.49 29.33
N SER A 952 55.64 16.57 28.97
CA SER A 952 54.46 16.53 28.08
C SER A 952 53.90 17.93 27.83
N SER A 956 58.73 20.24 31.85
CA SER A 956 58.63 19.03 32.67
C SER A 956 58.15 19.37 34.07
N GLY A 957 57.43 18.43 34.68
CA GLY A 957 57.07 18.50 36.09
C GLY A 957 57.68 17.35 36.87
N THR A 958 57.73 17.50 38.19
CA THR A 958 58.20 16.42 39.08
C THR A 958 57.01 15.64 39.60
N TYR A 959 56.97 14.35 39.27
CA TYR A 959 55.86 13.47 39.65
C TYR A 959 56.32 12.44 40.68
N LEU A 960 55.38 11.93 41.46
CA LEU A 960 55.69 10.81 42.36
C LEU A 960 54.57 9.76 42.29
N PHE A 961 54.97 8.50 42.14
CA PHE A 961 54.05 7.38 41.96
C PHE A 961 54.28 6.41 43.14
N LEU A 962 53.22 6.11 43.87
CA LEU A 962 53.28 5.15 45.00
C LEU A 962 53.50 3.75 44.46
N ASN A 963 53.81 2.80 45.34
CA ASN A 963 54.11 1.42 44.91
C ASN A 963 53.00 0.65 44.17
N ASN A 964 51.79 1.23 44.14
CA ASN A 964 50.63 0.65 43.42
C ASN A 964 50.45 1.36 42.07
N GLY A 965 51.41 2.22 41.74
CA GLY A 965 51.49 2.86 40.45
C GLY A 965 50.69 4.15 40.32
N THR A 966 49.85 4.47 41.31
CA THR A 966 48.99 5.66 41.23
C THR A 966 49.80 6.94 41.41
N SER A 967 49.53 7.89 40.52
CA SER A 967 50.13 9.22 40.57
C SER A 967 49.68 9.93 41.84
N PHE A 968 50.64 10.20 42.74
CA PHE A 968 50.34 10.89 43.98
C PHE A 968 50.14 12.36 43.68
N ARG A 969 49.16 12.95 44.35
CA ARG A 969 48.54 14.16 43.80
C ARG A 969 47.54 14.77 44.80
N SER A 970 47.59 16.09 44.94
CA SER A 970 46.80 16.84 45.93
C SER A 970 47.15 16.44 47.39
N GLY A 971 48.45 16.42 47.70
CA GLY A 971 48.88 16.02 49.04
C GLY A 971 50.34 16.29 49.39
N LEU A 972 50.66 16.10 50.66
CA LEU A 972 52.02 16.33 51.17
C LEU A 972 52.88 15.05 51.22
N VAL A 973 54.17 15.19 50.93
CA VAL A 973 55.14 14.10 51.17
C VAL A 973 56.14 14.59 52.20
N LYS A 974 56.09 14.02 53.41
CA LYS A 974 57.07 14.34 54.46
C LYS A 974 58.22 13.33 54.50
N THR A 975 59.38 13.76 54.00
CA THR A 975 60.64 12.98 54.09
C THR A 975 61.52 13.55 55.21
N ASP A 976 62.59 12.84 55.58
CA ASP A 976 63.57 13.34 56.58
C ASP A 976 64.24 14.65 56.17
N ALA A 977 64.32 14.92 54.87
CA ALA A 977 65.00 16.13 54.39
C ALA A 977 64.05 17.32 54.09
N GLY A 978 62.78 17.16 54.45
CA GLY A 978 61.76 18.22 54.26
C GLY A 978 60.43 17.70 53.69
N THR A 979 59.42 18.56 53.72
CA THR A 979 58.09 18.20 53.23
C THR A 979 57.84 18.84 51.86
N TYR A 980 57.22 18.08 50.94
CA TYR A 980 56.87 18.56 49.59
C TYR A 980 55.37 18.43 49.33
N TYR A 981 54.85 19.31 48.48
CA TYR A 981 53.45 19.29 48.08
C TYR A 981 53.32 19.00 46.59
N TYR A 982 52.53 17.98 46.27
CA TYR A 982 52.19 17.69 44.87
C TYR A 982 50.80 18.25 44.55
N ASP A 983 50.66 18.95 43.42
CA ASP A 983 49.38 19.61 43.10
C ASP A 983 48.35 18.63 42.53
N GLY A 984 47.19 19.18 42.13
CA GLY A 984 46.07 18.41 41.55
C GLY A 984 46.42 17.66 40.27
N ASP A 985 47.50 18.04 39.62
CA ASP A 985 47.97 17.33 38.42
C ASP A 985 49.16 16.38 38.64
N GLY A 986 49.56 16.15 39.89
CA GLY A 986 50.66 15.23 40.23
C GLY A 986 52.03 15.85 40.14
N ARG A 987 52.05 17.15 39.92
CA ARG A 987 53.30 17.89 39.76
C ARG A 987 53.68 18.60 41.04
N MET A 988 54.96 18.50 41.38
CA MET A 988 55.49 19.12 42.59
C MET A 988 55.32 20.62 42.39
N VAL A 989 54.90 21.31 43.45
CA VAL A 989 54.85 22.78 43.46
C VAL A 989 56.18 23.33 44.05
N ARG A 990 56.66 24.44 43.47
CA ARG A 990 57.86 25.15 43.95
C ARG A 990 57.60 26.64 43.91
N ASN A 991 58.13 27.36 44.92
CA ASN A 991 58.28 28.83 44.85
C ASN A 991 56.96 29.63 44.79
N GLN A 992 55.99 29.23 45.60
CA GLN A 992 54.68 29.90 45.69
C GLN A 992 53.85 29.49 46.90
N THR A 993 52.78 30.25 47.14
CA THR A 993 51.79 29.92 48.14
C THR A 993 50.60 29.26 47.42
N VAL A 994 50.16 28.11 47.93
CA VAL A 994 48.97 27.44 47.41
C VAL A 994 47.90 27.13 48.46
N SER A 995 46.69 26.86 47.99
CA SER A 995 45.62 26.47 48.88
C SER A 995 44.90 25.23 48.38
N ASP A 996 44.84 24.21 49.24
CA ASP A 996 44.09 22.96 48.99
C ASP A 996 43.01 22.87 50.07
N GLY A 997 41.77 23.20 49.71
CA GLY A 997 40.69 23.26 50.69
C GLY A 997 40.97 24.28 51.79
N ALA A 998 40.96 23.82 53.04
CA ALA A 998 41.21 24.70 54.20
C ALA A 998 42.69 24.99 54.41
N MET A 999 43.53 24.06 53.95
CA MET A 999 44.97 24.15 54.17
C MET A 999 45.66 25.11 53.20
N THR A 1000 46.55 25.96 53.75
CA THR A 1000 47.42 26.83 52.96
C THR A 1000 48.89 26.38 53.14
N TYR A 1001 49.59 26.15 52.03
CA TYR A 1001 50.95 25.58 52.04
C TYR A 1001 51.94 26.51 51.34
N VAL A 1002 52.95 27.01 52.07
CA VAL A 1002 53.99 27.85 51.48
C VAL A 1002 55.24 27.00 51.15
N LEU A 1003 55.61 27.00 49.88
CA LEU A 1003 56.75 26.20 49.38
C LEU A 1003 57.88 27.04 48.78
N ASP A 1004 59.12 26.72 49.16
CA ASP A 1004 60.30 27.37 48.55
C ASP A 1004 60.71 26.80 47.17
N GLU A 1005 61.83 27.30 46.65
CA GLU A 1005 62.33 27.00 45.30
C GLU A 1005 62.76 25.55 45.09
N ASN A 1006 63.07 24.84 46.18
CA ASN A 1006 63.37 23.42 46.10
C ASN A 1006 62.14 22.53 46.32
N GLY A 1007 60.98 23.16 46.50
CA GLY A 1007 59.75 22.43 46.80
C GLY A 1007 59.48 22.20 48.27
N LYS A 1008 60.45 22.53 49.13
CA LYS A 1008 60.35 22.33 50.60
C LYS A 1008 59.30 23.25 51.24
N LEU A 1009 58.57 22.70 52.20
CA LEU A 1009 57.51 23.44 52.93
C LEU A 1009 58.15 24.36 53.98
N VAL A 1010 57.88 25.66 53.84
CA VAL A 1010 58.27 26.66 54.84
C VAL A 1010 57.22 26.79 55.98
N SER A 1011 55.95 27.00 55.66
CA SER A 1011 54.89 27.11 56.68
C SER A 1011 53.55 26.58 56.19
N GLU A 1012 52.56 26.49 57.10
CA GLU A 1012 51.24 25.91 56.80
C GLU A 1012 50.15 26.28 57.81
#